data_4PVC
#
_entry.id   4PVC
#
_cell.length_a   48.721
_cell.length_b   97.845
_cell.length_c   139.003
_cell.angle_alpha   90.00
_cell.angle_beta   90.00
_cell.angle_gamma   90.00
#
_symmetry.space_group_name_H-M   'P 21 21 21'
#
loop_
_entity.id
_entity.type
_entity.pdbx_description
1 polymer 'NADPH-dependent methylglyoxal reductase GRE2'
2 water water
#
_entity_poly.entity_id   1
_entity_poly.type   'polypeptide(L)'
_entity_poly.pdbx_seq_one_letter_code
;MSVFVSGANGFIAQHIVDLLLKEDYKVIGSARSQEKAENLTEAFGNNPKFSMEVVPDISKLDAFDHVFQKHGKDIKIVLH
TASPFCFDITDSERDLLIPAVNGVKGILHSIKKYAADSVERVVLTSSYAAVFDMAKENDKSLTFNEESWNPATWESCQSD
PVNAYCGSKKFAEKAAWEFLEENRDSVKFELTAVNPVYVFGPQMFDKDVKKHLNTSCELVNSLMHLSPEDKIPELFGGYI
DVRDVAKAHLVAFQKRETIGQRLIVSEARFTMQDVLDILNEDFPVLKGNIPVGKPGSGATHNTLGATLDNKKSKKLLGFK
FRNLKETIDDTASQILKFEGRI
;
_entity_poly.pdbx_strand_id   A,B
#
# COMPACT_ATOMS: atom_id res chain seq x y z
N MET A 1 33.15 -12.53 13.64
CA MET A 1 32.27 -13.55 14.27
C MET A 1 31.14 -14.06 13.35
N SER A 2 31.01 -13.46 12.17
CA SER A 2 29.90 -13.74 11.24
C SER A 2 28.57 -13.17 11.71
N VAL A 3 28.10 -12.19 10.95
CA VAL A 3 26.89 -11.46 11.24
C VAL A 3 25.90 -11.78 10.12
N PHE A 4 24.71 -12.23 10.49
CA PHE A 4 23.67 -12.46 9.51
C PHE A 4 22.81 -11.21 9.31
N VAL A 5 22.66 -10.81 8.05
CA VAL A 5 21.82 -9.67 7.70
C VAL A 5 20.70 -10.12 6.75
N SER A 6 19.47 -10.20 7.25
CA SER A 6 18.34 -10.52 6.37
C SER A 6 18.02 -9.32 5.49
N GLY A 7 17.61 -9.57 4.26
CA GLY A 7 17.23 -8.51 3.33
C GLY A 7 18.36 -7.53 3.09
N ALA A 8 19.55 -8.08 2.81
CA ALA A 8 20.78 -7.29 2.74
C ALA A 8 20.87 -6.31 1.56
N ASN A 9 19.96 -6.44 0.59
CA ASN A 9 19.93 -5.53 -0.57
C ASN A 9 19.07 -4.27 -0.36
N GLY A 10 18.46 -4.14 0.82
CA GLY A 10 17.67 -2.95 1.15
C GLY A 10 18.52 -1.71 1.34
N PHE A 11 17.86 -0.55 1.29
CA PHE A 11 18.50 0.78 1.38
C PHE A 11 19.42 0.91 2.60
N ILE A 12 18.87 0.63 3.79
CA ILE A 12 19.62 0.64 5.02
C ILE A 12 20.65 -0.51 5.04
N ALA A 13 20.18 -1.71 4.74
CA ALA A 13 20.99 -2.92 4.86
C ALA A 13 22.28 -2.88 4.05
N GLN A 14 22.24 -2.27 2.86
CA GLN A 14 23.46 -2.17 2.06
C GLN A 14 24.54 -1.38 2.79
N HIS A 15 24.14 -0.31 3.46
CA HIS A 15 25.05 0.45 4.32
C HIS A 15 25.56 -0.35 5.53
N ILE A 16 24.68 -1.15 6.14
CA ILE A 16 25.07 -2.07 7.23
C ILE A 16 26.16 -3.03 6.75
N VAL A 17 25.94 -3.67 5.60
CA VAL A 17 26.95 -4.56 5.01
C VAL A 17 28.29 -3.86 4.80
N ASP A 18 28.23 -2.66 4.24
CA ASP A 18 29.41 -1.82 4.02
C ASP A 18 30.18 -1.60 5.32
N LEU A 19 29.49 -1.18 6.35
CA LEU A 19 30.06 -0.91 7.64
C LEU A 19 30.68 -2.15 8.28
N LEU A 20 29.98 -3.25 8.19
CA LEU A 20 30.42 -4.49 8.80
C LEU A 20 31.72 -4.98 8.16
N LEU A 21 31.78 -4.94 6.84
CA LEU A 21 32.96 -5.35 6.10
C LEU A 21 34.16 -4.47 6.42
N LYS A 22 33.93 -3.17 6.53
CA LYS A 22 34.95 -2.19 6.92
C LYS A 22 35.52 -2.46 8.31
N GLU A 23 34.67 -2.98 9.20
CA GLU A 23 35.10 -3.35 10.56
C GLU A 23 35.60 -4.81 10.64
N ASP A 24 35.74 -5.41 9.47
CA ASP A 24 36.30 -6.78 9.27
C ASP A 24 35.50 -7.96 9.82
N TYR A 25 34.18 -7.79 9.88
CA TYR A 25 33.29 -8.91 10.15
C TYR A 25 33.16 -9.80 8.92
N LYS A 26 32.88 -11.07 9.14
CA LYS A 26 32.35 -11.92 8.11
C LYS A 26 30.85 -11.67 8.07
N VAL A 27 30.28 -11.60 6.87
CA VAL A 27 28.86 -11.26 6.73
C VAL A 27 28.15 -12.32 5.88
N ILE A 28 26.99 -12.76 6.36
CA ILE A 28 26.06 -13.55 5.57
C ILE A 28 24.79 -12.72 5.42
N GLY A 29 24.35 -12.51 4.19
CA GLY A 29 23.11 -11.78 3.93
C GLY A 29 22.08 -12.67 3.25
N SER A 30 20.83 -12.19 3.22
CA SER A 30 19.79 -12.86 2.45
C SER A 30 19.12 -11.89 1.47
N ALA A 31 18.66 -12.42 0.34
CA ALA A 31 17.89 -11.68 -0.64
C ALA A 31 16.80 -12.59 -1.16
N ARG A 32 15.75 -12.01 -1.73
CA ARG A 32 14.58 -12.79 -2.17
C ARG A 32 14.85 -13.65 -3.40
N SER A 33 15.89 -13.31 -4.16
CA SER A 33 16.20 -14.05 -5.37
C SER A 33 17.71 -14.21 -5.58
N GLN A 34 18.08 -15.23 -6.34
CA GLN A 34 19.46 -15.48 -6.74
C GLN A 34 20.04 -14.29 -7.53
N GLU A 35 19.23 -13.72 -8.40
CA GLU A 35 19.60 -12.55 -9.21
C GLU A 35 20.05 -11.40 -8.32
N LYS A 36 19.21 -11.06 -7.34
CA LYS A 36 19.49 -9.99 -6.40
C LYS A 36 20.71 -10.32 -5.53
N ALA A 37 20.80 -11.59 -5.13
CA ALA A 37 21.95 -12.06 -4.34
C ALA A 37 23.25 -11.86 -5.12
N GLU A 38 23.27 -12.32 -6.37
CA GLU A 38 24.43 -12.17 -7.26
C GLU A 38 24.75 -10.72 -7.60
N ASN A 39 23.73 -9.90 -7.82
CA ASN A 39 23.93 -8.48 -8.06
C ASN A 39 24.62 -7.78 -6.87
N LEU A 40 24.22 -8.18 -5.66
CA LEU A 40 24.77 -7.58 -4.45
C LEU A 40 26.22 -7.99 -4.19
N THR A 41 26.52 -9.28 -4.36
CA THR A 41 27.90 -9.75 -4.16
C THR A 41 28.84 -9.12 -5.19
N GLU A 42 28.32 -8.95 -6.41
CA GLU A 42 29.08 -8.30 -7.48
C GLU A 42 29.39 -6.85 -7.11
N ALA A 43 28.36 -6.12 -6.68
CA ALA A 43 28.48 -4.71 -6.30
C ALA A 43 29.50 -4.51 -5.18
N PHE A 44 29.59 -5.49 -4.29
CA PHE A 44 30.56 -5.43 -3.20
C PHE A 44 31.93 -5.99 -3.55
N GLY A 45 32.13 -6.29 -4.83
CA GLY A 45 33.46 -6.66 -5.35
C GLY A 45 33.83 -8.12 -5.18
N ASN A 46 32.82 -8.98 -5.09
CA ASN A 46 33.01 -10.42 -4.86
C ASN A 46 33.88 -10.72 -3.63
N ASN A 47 33.74 -9.88 -2.59
CA ASN A 47 34.47 -10.03 -1.34
C ASN A 47 34.13 -11.36 -0.64
N PRO A 48 35.12 -12.26 -0.51
CA PRO A 48 34.89 -13.59 0.06
C PRO A 48 34.50 -13.61 1.55
N LYS A 49 34.65 -12.48 2.24
CA LYS A 49 34.15 -12.32 3.62
C LYS A 49 32.62 -12.13 3.65
N PHE A 50 32.05 -11.91 2.46
CA PHE A 50 30.62 -11.67 2.29
C PHE A 50 30.01 -12.80 1.46
N SER A 51 28.92 -13.39 1.94
CA SER A 51 28.21 -14.42 1.20
C SER A 51 26.70 -14.18 1.30
N MET A 52 25.96 -14.72 0.35
CA MET A 52 24.51 -14.50 0.26
C MET A 52 23.72 -15.80 0.17
N GLU A 53 22.61 -15.86 0.89
CA GLU A 53 21.66 -16.97 0.83
C GLU A 53 20.33 -16.45 0.27
N VAL A 54 19.59 -17.32 -0.40
CA VAL A 54 18.30 -16.93 -0.98
C VAL A 54 17.15 -17.33 -0.05
N VAL A 55 16.35 -16.34 0.36
CA VAL A 55 15.15 -16.56 1.16
C VAL A 55 14.01 -15.78 0.50
N PRO A 56 13.23 -16.46 -0.36
CA PRO A 56 12.21 -15.82 -1.22
C PRO A 56 11.04 -15.17 -0.49
N ASP A 57 10.67 -15.72 0.67
CA ASP A 57 9.45 -15.30 1.38
C ASP A 57 9.69 -15.40 2.88
N ILE A 58 9.87 -14.25 3.53
CA ILE A 58 10.23 -14.23 4.95
C ILE A 58 9.07 -14.58 5.89
N SER A 59 7.85 -14.57 5.36
CA SER A 59 6.66 -14.86 6.18
C SER A 59 6.38 -16.36 6.35
N LYS A 60 6.97 -17.19 5.50
CA LYS A 60 6.94 -18.64 5.70
C LYS A 60 7.77 -18.95 6.94
N LEU A 61 7.18 -19.66 7.90
CA LEU A 61 7.81 -19.81 9.22
C LEU A 61 9.12 -20.63 9.22
N ASP A 62 9.32 -21.43 8.18
CA ASP A 62 10.56 -22.19 8.02
C ASP A 62 11.55 -21.46 7.08
N ALA A 63 11.21 -20.22 6.71
CA ALA A 63 11.98 -19.43 5.75
C ALA A 63 13.49 -19.46 5.98
N PHE A 64 13.90 -19.25 7.22
CA PHE A 64 15.32 -19.11 7.56
C PHE A 64 15.96 -20.36 8.17
N ASP A 65 15.22 -21.47 8.17
CA ASP A 65 15.73 -22.73 8.71
C ASP A 65 17.04 -23.16 8.05
N HIS A 66 17.11 -23.06 6.72
CA HIS A 66 18.29 -23.49 5.97
C HIS A 66 19.55 -22.70 6.32
N VAL A 67 19.44 -21.38 6.40
CA VAL A 67 20.61 -20.54 6.71
C VAL A 67 21.15 -20.83 8.12
N PHE A 68 20.26 -20.98 9.10
CA PHE A 68 20.69 -21.22 10.47
C PHE A 68 21.10 -22.65 10.75
N GLN A 69 20.52 -23.60 10.01
CA GLN A 69 20.98 -24.98 10.12
C GLN A 69 22.43 -25.12 9.66
N LYS A 70 22.74 -24.60 8.48
CA LYS A 70 24.06 -24.79 7.91
C LYS A 70 25.14 -23.83 8.45
N HIS A 71 24.71 -22.68 8.93
CA HIS A 71 25.63 -21.65 9.43
C HIS A 71 25.46 -21.30 10.92
N GLY A 72 24.57 -22.00 11.61
CA GLY A 72 24.18 -21.64 13.00
C GLY A 72 25.30 -21.56 14.03
N LYS A 73 26.24 -22.48 13.94
CA LYS A 73 27.40 -22.55 14.83
C LYS A 73 28.30 -21.32 14.70
N ASP A 74 28.34 -20.76 13.49
CA ASP A 74 29.19 -19.62 13.15
C ASP A 74 28.52 -18.25 13.36
N ILE A 75 27.19 -18.20 13.23
CA ILE A 75 26.45 -16.94 13.35
C ILE A 75 26.28 -16.52 14.81
N LYS A 76 26.89 -15.40 15.18
CA LYS A 76 26.76 -14.88 16.54
C LYS A 76 25.87 -13.65 16.64
N ILE A 77 25.69 -12.93 15.54
CA ILE A 77 24.86 -11.72 15.51
C ILE A 77 23.81 -11.80 14.40
N VAL A 78 22.58 -11.44 14.72
CA VAL A 78 21.51 -11.44 13.72
C VAL A 78 20.89 -10.05 13.59
N LEU A 79 20.98 -9.49 12.38
CA LEU A 79 20.43 -8.19 12.07
C LEU A 79 19.24 -8.45 11.15
N HIS A 80 18.05 -8.46 11.73
CA HIS A 80 16.84 -8.73 10.97
C HIS A 80 16.24 -7.44 10.40
N THR A 81 16.58 -7.16 9.14
CA THR A 81 16.16 -5.91 8.50
C THR A 81 15.05 -6.13 7.47
N ALA A 82 14.85 -7.38 7.07
CA ALA A 82 13.88 -7.74 6.04
C ALA A 82 12.44 -7.61 6.51
N SER A 83 11.60 -7.09 5.62
CA SER A 83 10.16 -7.01 5.83
C SER A 83 9.44 -7.81 4.73
N PRO A 84 8.16 -8.20 4.98
CA PRO A 84 7.42 -8.91 3.94
C PRO A 84 7.41 -8.09 2.65
N PHE A 85 7.49 -8.78 1.53
CA PHE A 85 7.36 -8.14 0.25
C PHE A 85 5.98 -8.38 -0.23
N CYS A 86 5.39 -7.33 -0.71
CA CYS A 86 4.04 -7.32 -1.25
C CYS A 86 3.14 -7.01 -0.13
N PHE A 87 1.99 -6.48 -0.46
CA PHE A 87 0.96 -6.41 0.51
C PHE A 87 -0.35 -6.13 -0.18
N ASP A 88 -1.45 -6.24 0.54
CA ASP A 88 -2.75 -5.91 -0.02
C ASP A 88 -3.59 -5.20 1.03
N ILE A 89 -4.50 -4.35 0.56
CA ILE A 89 -5.25 -3.43 1.44
C ILE A 89 -6.72 -3.81 1.68
N THR A 90 -7.21 -4.82 0.97
CA THR A 90 -8.56 -5.32 1.20
C THR A 90 -8.58 -6.24 2.42
N ASP A 91 -7.96 -7.41 2.30
CA ASP A 91 -7.82 -8.31 3.45
C ASP A 91 -6.49 -8.03 4.17
N SER A 92 -6.47 -6.93 4.92
CA SER A 92 -5.29 -6.44 5.61
C SER A 92 -4.75 -7.42 6.64
N GLU A 93 -5.63 -8.23 7.22
CA GLU A 93 -5.22 -9.24 8.20
C GLU A 93 -4.41 -10.35 7.53
N ARG A 94 -4.95 -10.90 6.45
CA ARG A 94 -4.32 -12.00 5.72
C ARG A 94 -3.10 -11.54 4.94
N ASP A 95 -3.17 -10.33 4.38
CA ASP A 95 -2.16 -9.88 3.40
C ASP A 95 -1.16 -8.84 3.89
N LEU A 96 -1.29 -8.42 5.15
CA LEU A 96 -0.38 -7.43 5.72
C LEU A 96 -0.02 -7.75 7.17
N LEU A 97 -1.04 -7.91 8.00
CA LEU A 97 -0.84 -8.08 9.45
C LEU A 97 -0.17 -9.40 9.81
N ILE A 98 -0.75 -10.51 9.37
CA ILE A 98 -0.22 -11.86 9.65
C ILE A 98 1.19 -12.07 9.07
N PRO A 99 1.43 -11.66 7.80
CA PRO A 99 2.77 -11.76 7.21
C PRO A 99 3.86 -10.99 7.97
N ALA A 100 3.53 -9.78 8.44
CA ALA A 100 4.44 -8.98 9.26
C ALA A 100 4.85 -9.71 10.54
N VAL A 101 3.88 -10.29 11.23
CA VAL A 101 4.12 -11.06 12.45
C VAL A 101 4.93 -12.33 12.17
N ASN A 102 4.58 -13.03 11.10
CA ASN A 102 5.29 -14.26 10.75
C ASN A 102 6.69 -14.01 10.21
N GLY A 103 6.86 -12.86 9.56
CA GLY A 103 8.19 -12.40 9.12
C GLY A 103 9.16 -12.12 10.26
N VAL A 104 8.62 -11.99 11.48
CA VAL A 104 9.45 -11.87 12.68
C VAL A 104 9.54 -13.21 13.43
N LYS A 105 8.41 -13.88 13.62
CA LYS A 105 8.41 -15.13 14.38
C LYS A 105 9.23 -16.25 13.72
N GLY A 106 9.20 -16.29 12.39
CA GLY A 106 9.94 -17.29 11.62
C GLY A 106 11.42 -17.35 11.96
N ILE A 107 12.12 -16.25 11.77
CA ILE A 107 13.57 -16.19 12.02
C ILE A 107 13.94 -16.48 13.47
N LEU A 108 13.11 -16.05 14.40
CA LEU A 108 13.37 -16.28 15.82
C LEU A 108 13.22 -17.78 16.15
N HIS A 109 12.22 -18.41 15.54
CA HIS A 109 12.03 -19.85 15.66
C HIS A 109 13.18 -20.62 15.02
N SER A 110 13.67 -20.11 13.89
CA SER A 110 14.87 -20.67 13.25
C SER A 110 16.10 -20.60 14.16
N ILE A 111 16.24 -19.48 14.87
CA ILE A 111 17.34 -19.28 15.81
C ILE A 111 17.23 -20.24 17.00
N LYS A 112 16.02 -20.38 17.54
CA LYS A 112 15.79 -21.28 18.66
C LYS A 112 16.12 -22.72 18.26
N LYS A 113 15.70 -23.10 17.06
CA LYS A 113 15.87 -24.46 16.55
C LYS A 113 17.31 -24.80 16.20
N TYR A 114 18.02 -23.90 15.52
CA TYR A 114 19.32 -24.24 14.94
C TYR A 114 20.55 -23.53 15.49
N ALA A 115 20.34 -22.53 16.33
CA ALA A 115 21.43 -21.69 16.83
C ALA A 115 21.13 -21.15 18.23
N ALA A 116 20.47 -21.98 19.05
CA ALA A 116 20.02 -21.56 20.38
C ALA A 116 21.16 -21.14 21.32
N ASP A 117 22.30 -21.83 21.22
CA ASP A 117 23.44 -21.56 22.11
C ASP A 117 24.53 -20.68 21.50
N SER A 118 24.35 -20.25 20.25
CA SER A 118 25.40 -19.51 19.56
C SER A 118 25.08 -18.03 19.26
N VAL A 119 23.86 -17.75 18.79
CA VAL A 119 23.45 -16.35 18.54
C VAL A 119 23.39 -15.58 19.87
N GLU A 120 24.18 -14.52 19.95
CA GLU A 120 24.30 -13.75 21.18
C GLU A 120 23.46 -12.48 21.18
N ARG A 121 23.26 -11.89 20.00
CA ARG A 121 22.52 -10.64 19.86
C ARG A 121 21.62 -10.66 18.63
N VAL A 122 20.37 -10.26 18.84
CA VAL A 122 19.45 -10.01 17.73
C VAL A 122 19.08 -8.53 17.71
N VAL A 123 19.20 -7.93 16.53
CA VAL A 123 18.77 -6.56 16.31
C VAL A 123 17.62 -6.57 15.31
N LEU A 124 16.48 -6.03 15.74
CA LEU A 124 15.32 -5.93 14.86
C LEU A 124 15.18 -4.54 14.28
N THR A 125 15.08 -4.46 12.96
CA THR A 125 14.75 -3.20 12.31
C THR A 125 13.24 -3.00 12.40
N SER A 126 12.84 -2.14 13.32
CA SER A 126 11.44 -1.82 13.53
C SER A 126 11.20 -0.46 12.90
N SER A 127 10.43 0.40 13.57
CA SER A 127 10.05 1.67 12.98
C SER A 127 9.41 2.57 14.01
N TYR A 128 9.58 3.87 13.82
CA TYR A 128 8.91 4.87 14.62
C TYR A 128 7.39 4.69 14.52
N ALA A 129 6.95 4.04 13.45
CA ALA A 129 5.52 3.68 13.27
C ALA A 129 4.96 2.81 14.41
N ALA A 130 5.85 2.05 15.05
CA ALA A 130 5.50 1.23 16.23
C ALA A 130 5.43 2.04 17.53
N VAL A 131 5.94 3.27 17.48
CA VAL A 131 6.07 4.15 18.64
C VAL A 131 4.94 5.18 18.69
N PHE A 132 4.69 5.86 17.57
CA PHE A 132 3.87 7.06 17.57
C PHE A 132 2.36 6.83 17.58
N ASP A 133 1.63 7.90 17.88
CA ASP A 133 0.18 7.95 17.73
C ASP A 133 -0.07 8.91 16.57
N MET A 134 -0.36 8.34 15.40
CA MET A 134 -0.44 9.10 14.15
C MET A 134 -1.40 10.30 14.22
N ALA A 135 -2.52 10.10 14.90
CA ALA A 135 -3.53 11.15 15.07
C ALA A 135 -3.13 12.24 16.08
N LYS A 136 -2.11 11.95 16.89
CA LYS A 136 -1.65 12.87 17.93
C LYS A 136 -0.27 13.47 17.62
N GLU A 137 0.30 13.10 16.48
CA GLU A 137 1.60 13.61 16.02
C GLU A 137 1.51 15.12 15.82
N ASN A 138 0.29 15.57 15.54
CA ASN A 138 -0.10 16.97 15.39
C ASN A 138 0.07 17.79 16.67
N ASP A 139 -0.09 17.15 17.81
CA ASP A 139 -0.30 17.81 19.10
C ASP A 139 1.00 18.13 19.87
N LYS A 140 1.36 19.40 19.91
CA LYS A 140 2.58 19.90 20.58
C LYS A 140 2.68 19.52 22.05
N SER A 141 1.54 19.41 22.72
CA SER A 141 1.52 19.18 24.16
C SER A 141 1.93 17.75 24.52
N LEU A 142 2.07 16.90 23.49
CA LEU A 142 2.34 15.49 23.71
C LEU A 142 3.77 15.08 23.39
N THR A 143 4.23 14.04 24.08
CA THR A 143 5.58 13.53 23.95
C THR A 143 5.56 12.01 23.68
N PHE A 144 6.38 11.58 22.72
CA PHE A 144 6.59 10.16 22.49
C PHE A 144 8.04 9.82 22.80
N ASN A 145 8.26 8.71 23.48
CA ASN A 145 9.61 8.25 23.75
C ASN A 145 9.78 6.74 23.52
N GLU A 146 10.94 6.21 23.90
CA GLU A 146 11.26 4.79 23.73
C GLU A 146 10.24 3.84 24.36
N GLU A 147 9.49 4.33 25.36
CA GLU A 147 8.48 3.51 26.03
C GLU A 147 7.08 3.66 25.41
N SER A 148 6.96 4.56 24.44
CA SER A 148 5.69 4.78 23.75
C SER A 148 5.44 3.72 22.68
N TRP A 149 4.21 3.23 22.62
CA TRP A 149 3.78 2.26 21.61
C TRP A 149 2.53 2.78 20.89
N ASN A 150 2.48 2.55 19.58
CA ASN A 150 1.30 2.83 18.77
C ASN A 150 0.07 2.23 19.46
N PRO A 151 -0.95 3.06 19.77
CA PRO A 151 -2.11 2.56 20.52
C PRO A 151 -3.06 1.70 19.69
N ALA A 152 -2.90 1.69 18.37
CA ALA A 152 -3.80 0.94 17.48
C ALA A 152 -3.81 -0.54 17.82
N THR A 153 -5.00 -1.14 17.82
CA THR A 153 -5.16 -2.57 18.08
C THR A 153 -5.26 -3.33 16.75
N TRP A 154 -5.22 -4.65 16.84
CA TRP A 154 -5.30 -5.55 15.68
C TRP A 154 -6.51 -5.26 14.79
N GLU A 155 -7.65 -4.97 15.42
CA GLU A 155 -8.87 -4.64 14.68
C GLU A 155 -8.88 -3.18 14.23
N SER A 156 -8.50 -2.27 15.13
CA SER A 156 -8.65 -0.83 14.88
C SER A 156 -7.71 -0.29 13.81
N CYS A 157 -6.55 -0.91 13.65
CA CYS A 157 -5.57 -0.44 12.65
C CYS A 157 -6.04 -0.70 11.23
N GLN A 158 -7.02 -1.60 11.09
CA GLN A 158 -7.53 -2.01 9.79
C GLN A 158 -8.46 -0.98 9.14
N SER A 159 -8.64 0.16 9.81
CA SER A 159 -9.52 1.24 9.35
C SER A 159 -9.16 1.78 7.96
N ASP A 160 -7.87 1.84 7.67
CA ASP A 160 -7.36 2.35 6.39
C ASP A 160 -5.96 1.79 6.14
N PRO A 161 -5.45 1.91 4.89
CA PRO A 161 -4.17 1.29 4.54
C PRO A 161 -2.97 1.83 5.30
N VAL A 162 -2.94 3.14 5.54
CA VAL A 162 -1.84 3.77 6.27
C VAL A 162 -1.81 3.27 7.70
N ASN A 163 -2.94 3.35 8.40
CA ASN A 163 -3.07 2.80 9.74
C ASN A 163 -2.74 1.31 9.84
N ALA A 164 -3.16 0.54 8.84
CA ALA A 164 -2.91 -0.90 8.81
C ALA A 164 -1.42 -1.19 8.72
N TYR A 165 -0.72 -0.46 7.85
CA TYR A 165 0.72 -0.62 7.68
C TYR A 165 1.46 -0.26 8.97
N CYS A 166 1.07 0.86 9.59
CA CYS A 166 1.67 1.28 10.86
C CYS A 166 1.40 0.26 11.95
N GLY A 167 0.17 -0.26 11.97
CA GLY A 167 -0.22 -1.33 12.87
C GLY A 167 0.63 -2.56 12.70
N SER A 168 0.89 -2.94 11.43
CA SER A 168 1.70 -4.12 11.14
C SER A 168 3.10 -4.02 11.73
N LYS A 169 3.66 -2.81 11.75
CA LYS A 169 4.98 -2.58 12.34
C LYS A 169 4.95 -2.77 13.86
N LYS A 170 3.86 -2.35 14.50
CA LYS A 170 3.68 -2.54 15.94
C LYS A 170 3.66 -4.01 16.30
N PHE A 171 2.83 -4.78 15.60
CA PHE A 171 2.62 -6.18 15.93
C PHE A 171 3.85 -7.03 15.62
N ALA A 172 4.58 -6.66 14.57
CA ALA A 172 5.85 -7.31 14.24
C ALA A 172 6.84 -7.18 15.39
N GLU A 173 7.06 -5.96 15.87
CA GLU A 173 8.00 -5.73 16.98
C GLU A 173 7.52 -6.36 18.29
N LYS A 174 6.21 -6.28 18.53
CA LYS A 174 5.61 -6.90 19.71
C LYS A 174 5.93 -8.38 19.77
N ALA A 175 5.77 -9.06 18.63
CA ALA A 175 6.07 -10.49 18.50
C ALA A 175 7.50 -10.84 18.88
N ALA A 176 8.44 -9.93 18.59
CA ALA A 176 9.85 -10.13 18.92
C ALA A 176 10.12 -10.11 20.43
N TRP A 177 9.67 -9.05 21.11
CA TRP A 177 9.81 -8.98 22.57
C TRP A 177 9.09 -10.14 23.25
N GLU A 178 7.86 -10.44 22.80
CA GLU A 178 7.10 -11.57 23.34
C GLU A 178 7.82 -12.91 23.19
N PHE A 179 8.39 -13.16 22.00
CA PHE A 179 9.16 -14.38 21.77
C PHE A 179 10.28 -14.52 22.80
N LEU A 180 11.02 -13.44 23.03
CA LEU A 180 12.14 -13.49 23.97
C LEU A 180 11.67 -13.70 25.41
N GLU A 181 10.59 -13.01 25.78
CA GLU A 181 9.98 -13.15 27.10
C GLU A 181 9.58 -14.60 27.39
N GLU A 182 8.97 -15.25 26.39
CA GLU A 182 8.43 -16.60 26.52
C GLU A 182 9.47 -17.71 26.34
N ASN A 183 10.61 -17.37 25.74
CA ASN A 183 11.65 -18.35 25.47
C ASN A 183 13.01 -18.05 26.10
N ARG A 184 13.01 -17.25 27.16
CA ARG A 184 14.25 -16.74 27.75
C ARG A 184 15.23 -17.85 28.20
N ASP A 185 14.70 -18.97 28.67
CA ASP A 185 15.53 -20.09 29.12
C ASP A 185 16.04 -20.99 27.99
N SER A 186 15.40 -20.91 26.82
CA SER A 186 15.73 -21.80 25.71
C SER A 186 16.62 -21.16 24.63
N VAL A 187 16.82 -19.85 24.73
CA VAL A 187 17.72 -19.13 23.82
C VAL A 187 18.73 -18.28 24.59
N LYS A 188 19.89 -18.06 23.97
CA LYS A 188 20.97 -17.28 24.58
C LYS A 188 20.86 -15.79 24.27
N PHE A 189 20.29 -15.44 23.11
CA PHE A 189 20.41 -14.07 22.60
C PHE A 189 19.71 -12.99 23.42
N GLU A 190 20.27 -11.78 23.34
CA GLU A 190 19.60 -10.57 23.81
C GLU A 190 19.07 -9.81 22.60
N LEU A 191 18.00 -9.06 22.81
CA LEU A 191 17.29 -8.37 21.73
C LEU A 191 17.36 -6.85 21.84
N THR A 192 17.50 -6.18 20.69
CA THR A 192 17.43 -4.73 20.58
C THR A 192 16.61 -4.38 19.35
N ALA A 193 15.78 -3.36 19.46
CA ALA A 193 15.03 -2.84 18.33
C ALA A 193 15.61 -1.49 17.90
N VAL A 194 15.73 -1.31 16.59
CA VAL A 194 16.09 0.00 16.04
C VAL A 194 14.86 0.53 15.32
N ASN A 195 14.48 1.76 15.66
CA ASN A 195 13.21 2.32 15.17
C ASN A 195 13.42 3.63 14.42
N PRO A 196 13.66 3.56 13.10
CA PRO A 196 13.92 4.80 12.36
C PRO A 196 12.67 5.60 12.06
N VAL A 197 12.86 6.90 11.86
CA VAL A 197 11.83 7.80 11.34
C VAL A 197 11.93 7.78 9.80
N TYR A 198 11.69 8.92 9.15
CA TYR A 198 11.91 9.02 7.70
C TYR A 198 13.41 8.97 7.42
N VAL A 199 13.82 8.01 6.58
CA VAL A 199 15.24 7.79 6.32
C VAL A 199 15.65 8.40 4.99
N PHE A 200 16.50 9.43 5.04
CA PHE A 200 17.05 10.05 3.85
C PHE A 200 18.50 9.65 3.68
N GLY A 201 19.11 10.08 2.58
CA GLY A 201 20.54 9.88 2.37
C GLY A 201 20.88 9.13 1.09
N PRO A 202 22.18 9.03 0.79
CA PRO A 202 22.63 8.42 -0.46
C PRO A 202 22.51 6.89 -0.45
N GLN A 203 22.16 6.34 -1.61
CA GLN A 203 22.24 4.90 -1.82
C GLN A 203 23.72 4.49 -1.77
N MET A 204 23.99 3.28 -1.29
CA MET A 204 25.33 2.74 -1.21
C MET A 204 26.10 2.82 -2.55
N PHE A 205 25.43 2.44 -3.64
CA PHE A 205 26.04 2.53 -4.97
C PHE A 205 25.24 3.48 -5.88
N ASP A 206 25.96 4.25 -6.69
CA ASP A 206 25.34 5.33 -7.49
C ASP A 206 24.35 4.88 -8.56
N LYS A 207 24.56 3.74 -9.18
CA LYS A 207 23.71 3.23 -10.25
C LYS A 207 22.29 2.98 -9.76
N ASP A 208 22.14 2.78 -8.46
CA ASP A 208 20.83 2.44 -7.90
C ASP A 208 19.75 3.51 -8.11
N VAL A 209 20.15 4.76 -7.97
CA VAL A 209 19.26 5.93 -7.98
C VAL A 209 18.11 5.85 -8.99
N LYS A 210 18.36 5.25 -10.15
CA LYS A 210 17.35 5.09 -11.20
C LYS A 210 16.11 4.29 -10.74
N LYS A 211 16.35 3.21 -10.02
CA LYS A 211 15.26 2.28 -9.65
C LYS A 211 14.97 2.19 -8.15
N HIS A 212 15.96 2.52 -7.32
CA HIS A 212 15.98 2.02 -5.95
C HIS A 212 15.79 3.02 -4.80
N LEU A 213 15.34 4.24 -5.11
CA LEU A 213 15.01 5.23 -4.08
C LEU A 213 13.88 4.71 -3.19
N ASN A 214 14.08 4.82 -1.87
CA ASN A 214 13.04 4.47 -0.90
C ASN A 214 11.97 5.55 -0.86
N THR A 215 10.89 5.28 -0.13
CA THR A 215 9.77 6.23 -0.02
C THR A 215 10.19 7.66 0.34
N SER A 216 11.11 7.79 1.30
CA SER A 216 11.52 9.11 1.80
C SER A 216 12.37 9.91 0.81
N CYS A 217 13.34 9.26 0.18
CA CYS A 217 14.18 9.92 -0.81
C CYS A 217 13.39 10.22 -2.10
N GLU A 218 12.37 9.39 -2.35
CA GLU A 218 11.46 9.64 -3.46
C GLU A 218 10.75 10.99 -3.30
N LEU A 219 10.52 11.40 -2.05
CA LEU A 219 9.95 12.72 -1.75
C LEU A 219 10.89 13.83 -2.22
N VAL A 220 12.18 13.65 -1.94
CA VAL A 220 13.21 14.62 -2.31
C VAL A 220 13.30 14.73 -3.84
N ASN A 221 13.41 13.58 -4.49
CA ASN A 221 13.41 13.50 -5.94
C ASN A 221 12.20 14.21 -6.57
N SER A 222 11.01 13.95 -6.05
CA SER A 222 9.79 14.58 -6.57
C SER A 222 9.81 16.10 -6.40
N LEU A 223 10.31 16.58 -5.26
CA LEU A 223 10.48 18.02 -5.01
C LEU A 223 11.45 18.68 -6.00
N MET A 224 12.49 17.94 -6.37
CA MET A 224 13.48 18.40 -7.33
C MET A 224 12.93 18.53 -8.75
N HIS A 225 11.77 17.92 -9.02
CA HIS A 225 11.16 17.95 -10.34
C HIS A 225 9.86 18.74 -10.43
N LEU A 226 9.55 19.50 -9.38
CA LEU A 226 8.39 20.38 -9.38
C LEU A 226 8.70 21.68 -10.13
N SER A 227 7.66 22.29 -10.71
CA SER A 227 7.77 23.58 -11.38
C SER A 227 7.63 24.69 -10.34
N PRO A 228 8.17 25.90 -10.63
CA PRO A 228 8.12 27.01 -9.68
C PRO A 228 6.73 27.30 -9.09
N GLU A 229 5.66 26.91 -9.80
CA GLU A 229 4.29 27.20 -9.36
C GLU A 229 3.51 26.00 -8.79
N ASP A 230 4.13 24.83 -8.79
CA ASP A 230 3.52 23.64 -8.18
C ASP A 230 3.35 23.82 -6.67
N LYS A 231 2.32 23.19 -6.12
CA LYS A 231 2.09 23.18 -4.66
C LYS A 231 2.95 22.14 -3.97
N ILE A 232 3.35 22.43 -2.74
CA ILE A 232 4.23 21.55 -1.96
C ILE A 232 3.40 20.61 -1.08
N PRO A 233 3.72 19.30 -1.09
CA PRO A 233 3.00 18.34 -0.24
C PRO A 233 3.14 18.65 1.25
N GLU A 234 2.06 18.43 2.01
CA GLU A 234 2.04 18.69 3.43
C GLU A 234 2.42 17.44 4.22
N LEU A 235 3.64 17.43 4.76
CA LEU A 235 4.17 16.32 5.54
C LEU A 235 5.00 16.76 6.76
N PHE A 236 4.84 16.08 7.90
CA PHE A 236 5.60 16.35 9.13
C PHE A 236 6.12 15.04 9.71
N GLY A 237 7.38 15.04 10.13
CA GLY A 237 7.98 13.85 10.75
C GLY A 237 9.39 14.07 11.25
N GLY A 238 9.99 13.01 11.80
CA GLY A 238 11.39 13.04 12.18
C GLY A 238 12.22 12.63 10.99
N TYR A 239 13.48 13.04 10.95
CA TYR A 239 14.38 12.62 9.89
C TYR A 239 15.63 11.95 10.45
N ILE A 240 16.22 11.08 9.64
CA ILE A 240 17.50 10.48 9.94
C ILE A 240 18.23 10.09 8.65
N ASP A 241 19.55 10.28 8.65
CA ASP A 241 20.38 9.85 7.54
C ASP A 241 20.56 8.35 7.59
N VAL A 242 20.51 7.72 6.42
CA VAL A 242 20.66 6.27 6.27
C VAL A 242 21.94 5.70 6.88
N ARG A 243 23.05 6.46 6.77
CA ARG A 243 24.33 6.00 7.29
C ARG A 243 24.34 5.93 8.82
N ASP A 244 23.63 6.85 9.46
CA ASP A 244 23.44 6.86 10.90
C ASP A 244 22.54 5.70 11.36
N VAL A 245 21.51 5.39 10.59
CA VAL A 245 20.67 4.20 10.87
C VAL A 245 21.50 2.93 10.81
N ALA A 246 22.30 2.80 9.75
CA ALA A 246 23.19 1.65 9.61
C ALA A 246 24.17 1.54 10.80
N LYS A 247 24.82 2.66 11.14
CA LYS A 247 25.79 2.68 12.24
C LYS A 247 25.12 2.27 13.56
N ALA A 248 23.89 2.76 13.77
CA ALA A 248 23.11 2.44 14.96
C ALA A 248 22.85 0.95 15.14
N HIS A 249 22.67 0.24 14.02
CA HIS A 249 22.47 -1.22 14.03
C HIS A 249 23.72 -1.93 14.57
N LEU A 250 24.90 -1.41 14.24
CA LEU A 250 26.15 -1.98 14.73
C LEU A 250 26.31 -1.69 16.21
N VAL A 251 26.17 -0.43 16.60
CA VAL A 251 26.17 -0.01 18.01
C VAL A 251 25.16 -0.84 18.81
N ALA A 252 23.99 -1.09 18.23
CA ALA A 252 22.92 -1.83 18.87
C ALA A 252 23.32 -3.25 19.30
N PHE A 253 24.23 -3.89 18.57
CA PHE A 253 24.73 -5.21 18.97
C PHE A 253 26.11 -5.19 19.63
N GLN A 254 26.85 -4.09 19.44
CA GLN A 254 28.22 -4.01 19.98
C GLN A 254 28.25 -3.64 21.47
N LYS A 255 27.29 -2.84 21.90
CA LYS A 255 27.28 -2.30 23.25
C LYS A 255 26.44 -3.14 24.22
N ARG A 256 26.87 -3.15 25.48
CA ARG A 256 26.13 -3.80 26.55
C ARG A 256 24.87 -2.99 26.92
N GLU A 257 24.98 -1.67 26.89
CA GLU A 257 23.88 -0.78 27.31
C GLU A 257 22.66 -0.76 26.38
N THR A 258 22.77 -1.37 25.20
CA THR A 258 21.66 -1.40 24.23
C THR A 258 20.87 -2.71 24.31
N ILE A 259 21.35 -3.64 25.13
CA ILE A 259 20.61 -4.87 25.42
C ILE A 259 19.20 -4.52 25.91
N GLY A 260 18.20 -5.13 25.29
CA GLY A 260 16.81 -4.97 25.73
C GLY A 260 16.15 -3.62 25.47
N GLN A 261 16.79 -2.81 24.62
CA GLN A 261 16.35 -1.43 24.36
C GLN A 261 15.64 -1.27 23.03
N ARG A 262 14.71 -0.30 22.98
CA ARG A 262 14.21 0.22 21.72
C ARG A 262 14.94 1.53 21.49
N LEU A 263 15.55 1.67 20.32
CA LEU A 263 16.34 2.86 20.01
C LEU A 263 15.68 3.59 18.84
N ILE A 264 15.10 4.76 19.13
CA ILE A 264 14.52 5.59 18.09
C ILE A 264 15.63 6.41 17.47
N VAL A 265 15.93 6.13 16.20
CA VAL A 265 16.99 6.84 15.50
C VAL A 265 16.36 7.97 14.68
N SER A 266 16.51 9.17 15.23
CA SER A 266 15.92 10.39 14.70
C SER A 266 16.79 11.53 15.19
N GLU A 267 17.13 12.46 14.30
CA GLU A 267 17.90 13.62 14.71
C GLU A 267 16.98 14.75 15.16
N ALA A 268 16.05 15.15 14.28
CA ALA A 268 15.14 16.25 14.55
C ALA A 268 13.91 16.18 13.65
N ARG A 269 13.05 17.19 13.73
CA ARG A 269 11.83 17.21 12.95
C ARG A 269 12.04 17.94 11.63
N PHE A 270 11.20 17.64 10.64
CA PHE A 270 11.23 18.32 9.35
C PHE A 270 9.83 18.43 8.76
N THR A 271 9.66 19.38 7.85
CA THR A 271 8.56 19.39 6.91
C THR A 271 9.17 19.53 5.51
N MET A 272 8.35 19.40 4.48
CA MET A 272 8.85 19.53 3.10
C MET A 272 9.45 20.91 2.82
N GLN A 273 8.96 21.93 3.52
CA GLN A 273 9.50 23.29 3.39
C GLN A 273 10.99 23.37 3.75
N ASP A 274 11.40 22.64 4.79
CA ASP A 274 12.81 22.61 5.20
C ASP A 274 13.65 21.94 4.11
N VAL A 275 13.10 20.89 3.49
CA VAL A 275 13.77 20.20 2.39
C VAL A 275 13.92 21.15 1.19
N LEU A 276 12.82 21.83 0.83
CA LEU A 276 12.84 22.86 -0.23
C LEU A 276 13.91 23.91 -0.01
N ASP A 277 13.99 24.44 1.21
CA ASP A 277 14.94 25.49 1.55
C ASP A 277 16.38 25.04 1.31
N ILE A 278 16.69 23.79 1.67
CA ILE A 278 18.01 23.22 1.47
C ILE A 278 18.33 23.06 -0.02
N LEU A 279 17.34 22.58 -0.78
CA LEU A 279 17.48 22.37 -2.23
C LEU A 279 17.73 23.69 -2.96
N ASN A 280 16.95 24.70 -2.60
CA ASN A 280 17.12 26.04 -3.15
C ASN A 280 18.45 26.68 -2.75
N GLU A 281 18.83 26.53 -1.47
CA GLU A 281 20.04 27.20 -0.96
C GLU A 281 21.36 26.58 -1.42
N ASP A 282 21.38 25.27 -1.62
CA ASP A 282 22.65 24.58 -1.84
C ASP A 282 22.92 24.19 -3.29
N PHE A 283 21.90 24.30 -4.14
CA PHE A 283 22.01 23.86 -5.53
C PHE A 283 21.59 24.94 -6.54
N PRO A 284 22.59 25.64 -7.14
CA PRO A 284 22.31 26.61 -8.19
C PRO A 284 21.50 26.05 -9.36
N VAL A 285 21.65 24.76 -9.65
CA VAL A 285 20.98 24.14 -10.79
C VAL A 285 19.47 23.93 -10.55
N LEU A 286 19.07 23.91 -9.28
CA LEU A 286 17.66 23.74 -8.91
C LEU A 286 16.95 25.08 -8.67
N LYS A 287 17.66 26.03 -8.07
CA LYS A 287 17.04 27.31 -7.70
C LYS A 287 16.56 28.06 -8.95
N GLY A 288 15.34 28.58 -8.88
CA GLY A 288 14.72 29.24 -10.03
C GLY A 288 13.89 28.29 -10.87
N ASN A 289 14.05 26.99 -10.65
CA ASN A 289 13.32 25.97 -11.40
C ASN A 289 12.31 25.18 -10.55
N ILE A 290 12.46 25.27 -9.23
CA ILE A 290 11.58 24.57 -8.30
C ILE A 290 10.84 25.59 -7.41
N PRO A 291 9.77 25.16 -6.71
CA PRO A 291 9.07 26.09 -5.82
C PRO A 291 9.98 26.67 -4.75
N VAL A 292 9.57 27.82 -4.21
CA VAL A 292 10.27 28.43 -3.08
C VAL A 292 9.45 28.24 -1.79
N GLY A 293 8.13 28.17 -1.94
CA GLY A 293 7.22 28.05 -0.81
C GLY A 293 7.33 29.24 0.13
N LYS A 294 7.43 28.95 1.42
CA LYS A 294 7.61 29.98 2.46
C LYS A 294 8.86 29.66 3.27
N PRO A 295 10.04 30.13 2.80
CA PRO A 295 11.33 29.77 3.41
C PRO A 295 11.40 30.08 4.91
N GLY A 296 11.92 29.12 5.67
CA GLY A 296 12.13 29.29 7.11
C GLY A 296 10.91 29.08 7.99
N SER A 297 9.80 28.64 7.40
CA SER A 297 8.57 28.42 8.17
C SER A 297 8.42 26.97 8.62
N GLY A 298 9.40 26.14 8.31
CA GLY A 298 9.33 24.71 8.56
C GLY A 298 9.68 24.30 9.98
N ALA A 299 9.81 22.99 10.18
CA ALA A 299 10.06 22.42 11.50
C ALA A 299 11.49 22.62 12.02
N THR A 300 12.41 23.02 11.15
CA THR A 300 13.78 23.36 11.59
C THR A 300 13.85 24.72 12.30
N HIS A 301 12.75 25.47 12.26
CA HIS A 301 12.69 26.80 12.86
C HIS A 301 11.52 26.95 13.83
N ASN A 302 10.53 26.08 13.68
CA ASN A 302 9.30 26.14 14.46
C ASN A 302 8.92 24.78 15.04
N THR A 303 8.17 24.78 16.13
CA THR A 303 7.58 23.57 16.69
C THR A 303 6.22 23.36 16.03
N LEU A 304 6.08 22.25 15.30
CA LEU A 304 4.87 22.01 14.50
C LEU A 304 4.07 20.77 14.89
N GLY A 305 4.55 20.07 15.93
CA GLY A 305 3.84 18.89 16.41
C GLY A 305 4.40 18.35 17.70
N ALA A 306 4.01 17.11 17.99
CA ALA A 306 4.44 16.41 19.20
C ALA A 306 5.97 16.32 19.31
N THR A 307 6.45 16.31 20.54
CA THR A 307 7.86 16.18 20.81
C THR A 307 8.27 14.72 20.73
N LEU A 308 9.27 14.44 19.90
CA LEU A 308 9.90 13.13 19.84
C LEU A 308 11.08 13.15 20.80
N ASP A 309 10.88 12.57 21.98
CA ASP A 309 11.93 12.52 22.99
C ASP A 309 12.73 11.21 22.89
N ASN A 310 13.82 11.24 22.15
CA ASN A 310 14.73 10.11 22.06
C ASN A 310 16.12 10.44 22.64
N LYS A 311 16.13 11.31 23.65
CA LYS A 311 17.38 11.65 24.34
C LYS A 311 18.09 10.40 24.88
N LYS A 312 17.30 9.44 25.35
CA LYS A 312 17.81 8.17 25.86
C LYS A 312 18.52 7.38 24.76
N SER A 313 17.87 7.24 23.60
CA SER A 313 18.49 6.59 22.44
C SER A 313 19.80 7.24 22.02
N LYS A 314 19.80 8.58 21.95
CA LYS A 314 20.99 9.33 21.54
C LYS A 314 22.17 9.10 22.50
N LYS A 315 21.88 9.12 23.79
CA LYS A 315 22.88 8.82 24.83
C LYS A 315 23.45 7.41 24.70
N LEU A 316 22.57 6.44 24.50
CA LEU A 316 22.99 5.05 24.43
C LEU A 316 23.82 4.75 23.17
N LEU A 317 23.49 5.44 22.08
CA LEU A 317 24.17 5.22 20.81
C LEU A 317 25.55 5.86 20.80
N GLY A 318 25.67 7.01 21.46
CA GLY A 318 26.97 7.64 21.72
C GLY A 318 27.69 8.26 20.54
N PHE A 319 26.97 8.50 19.44
CA PHE A 319 27.52 9.26 18.32
C PHE A 319 26.53 10.31 17.83
N LYS A 320 27.03 11.41 17.29
CA LYS A 320 26.15 12.48 16.82
C LYS A 320 25.62 12.19 15.42
N PHE A 321 24.37 12.57 15.16
CA PHE A 321 23.73 12.31 13.87
C PHE A 321 23.88 13.47 12.92
N ARG A 322 23.95 13.17 11.62
CA ARG A 322 23.90 14.17 10.54
C ARG A 322 22.60 14.99 10.61
N ASN A 323 22.71 16.29 10.31
CA ASN A 323 21.55 17.16 10.27
C ASN A 323 20.83 17.13 8.92
N LEU A 324 19.70 17.82 8.80
CA LEU A 324 18.89 17.78 7.60
C LEU A 324 19.63 18.26 6.37
N LYS A 325 20.34 19.38 6.50
CA LYS A 325 21.14 19.93 5.41
C LYS A 325 22.07 18.86 4.86
N GLU A 326 22.84 18.24 5.74
CA GLU A 326 23.77 17.18 5.34
C GLU A 326 23.11 16.04 4.57
N THR A 327 22.02 15.51 5.11
CA THR A 327 21.39 14.32 4.53
C THR A 327 20.67 14.63 3.21
N ILE A 328 20.03 15.78 3.13
CA ILE A 328 19.37 16.21 1.89
C ILE A 328 20.42 16.56 0.82
N ASP A 329 21.46 17.28 1.22
CA ASP A 329 22.58 17.60 0.32
C ASP A 329 23.11 16.35 -0.36
N ASP A 330 23.40 15.32 0.43
CA ASP A 330 23.94 14.07 -0.10
C ASP A 330 22.93 13.30 -0.94
N THR A 331 21.66 13.36 -0.58
CA THR A 331 20.59 12.72 -1.35
C THR A 331 20.47 13.37 -2.73
N ALA A 332 20.35 14.70 -2.73
CA ALA A 332 20.17 15.47 -3.97
C ALA A 332 21.41 15.43 -4.85
N SER A 333 22.59 15.63 -4.25
CA SER A 333 23.84 15.62 -5.01
C SER A 333 24.06 14.30 -5.77
N GLN A 334 23.77 13.17 -5.13
CA GLN A 334 23.89 11.86 -5.77
C GLN A 334 22.90 11.71 -6.95
N ILE A 335 21.66 12.18 -6.76
CA ILE A 335 20.66 12.18 -7.83
C ILE A 335 21.11 13.07 -9.00
N LEU A 336 21.56 14.27 -8.68
CA LEU A 336 21.99 15.24 -9.70
C LEU A 336 23.21 14.76 -10.49
N LYS A 337 24.14 14.11 -9.80
CA LYS A 337 25.34 13.56 -10.44
C LYS A 337 25.00 12.35 -11.31
N PHE A 338 24.02 11.55 -10.89
CA PHE A 338 23.49 10.47 -11.70
C PHE A 338 22.74 11.01 -12.94
N GLU A 339 22.12 12.17 -12.80
CA GLU A 339 21.43 12.83 -13.91
C GLU A 339 22.39 13.65 -14.76
N GLY A 340 23.67 13.62 -14.41
CA GLY A 340 24.73 14.32 -15.15
C GLY A 340 24.62 15.83 -15.08
N ARG A 341 23.88 16.31 -14.10
CA ARG A 341 23.64 17.73 -13.90
C ARG A 341 24.75 18.37 -13.06
N ILE A 342 25.35 17.53 -12.22
CA ILE A 342 26.29 17.91 -11.14
C ILE A 342 26.05 19.29 -10.48
N MET B 1 -23.80 -17.26 -25.79
CA MET B 1 -24.16 -16.14 -24.87
C MET B 1 -23.49 -16.29 -23.49
N SER B 2 -22.16 -16.43 -23.50
CA SER B 2 -21.38 -16.61 -22.27
C SER B 2 -20.58 -15.34 -21.92
N VAL B 3 -20.53 -15.03 -20.62
CA VAL B 3 -19.84 -13.82 -20.13
C VAL B 3 -18.69 -14.18 -19.17
N PHE B 4 -17.49 -13.70 -19.46
CA PHE B 4 -16.33 -13.92 -18.59
C PHE B 4 -16.09 -12.76 -17.62
N VAL B 5 -16.04 -13.10 -16.33
CA VAL B 5 -15.81 -12.12 -15.26
C VAL B 5 -14.51 -12.47 -14.53
N SER B 6 -13.48 -11.67 -14.74
CA SER B 6 -12.20 -11.92 -14.07
C SER B 6 -12.28 -11.47 -12.62
N GLY B 7 -11.55 -12.16 -11.74
CA GLY B 7 -11.57 -11.88 -10.30
C GLY B 7 -12.98 -11.89 -9.75
N ALA B 8 -13.72 -12.95 -10.06
CA ALA B 8 -15.15 -13.06 -9.77
C ALA B 8 -15.50 -13.10 -8.28
N ASN B 9 -14.50 -13.37 -7.44
CA ASN B 9 -14.69 -13.40 -5.99
C ASN B 9 -14.68 -12.01 -5.34
N GLY B 10 -14.35 -10.98 -6.10
CA GLY B 10 -14.28 -9.61 -5.59
C GLY B 10 -15.59 -9.06 -5.05
N PHE B 11 -15.49 -7.98 -4.27
CA PHE B 11 -16.65 -7.28 -3.68
C PHE B 11 -17.69 -6.89 -4.74
N ILE B 12 -17.26 -6.15 -5.75
CA ILE B 12 -18.14 -5.76 -6.86
C ILE B 12 -18.51 -6.98 -7.74
N ALA B 13 -17.50 -7.80 -8.03
CA ALA B 13 -17.62 -8.93 -8.96
C ALA B 13 -18.70 -9.94 -8.58
N GLN B 14 -18.81 -10.24 -7.29
CA GLN B 14 -19.82 -11.20 -6.82
C GLN B 14 -21.24 -10.71 -7.10
N HIS B 15 -21.46 -9.40 -6.99
CA HIS B 15 -22.76 -8.81 -7.33
C HIS B 15 -23.00 -8.86 -8.85
N ILE B 16 -21.94 -8.68 -9.63
CA ILE B 16 -22.00 -8.81 -11.09
C ILE B 16 -22.43 -10.22 -11.51
N VAL B 17 -21.75 -11.24 -10.98
CA VAL B 17 -22.11 -12.63 -11.21
C VAL B 17 -23.58 -12.86 -10.85
N ASP B 18 -23.97 -12.38 -9.66
CA ASP B 18 -25.35 -12.46 -9.18
C ASP B 18 -26.38 -11.91 -10.17
N LEU B 19 -26.12 -10.70 -10.67
CA LEU B 19 -27.01 -10.05 -11.62
C LEU B 19 -27.03 -10.77 -12.96
N LEU B 20 -25.86 -11.19 -13.43
CA LEU B 20 -25.73 -11.92 -14.68
C LEU B 20 -26.56 -13.20 -14.66
N LEU B 21 -26.45 -13.95 -13.56
CA LEU B 21 -27.20 -15.20 -13.39
C LEU B 21 -28.70 -14.96 -13.30
N LYS B 22 -29.09 -13.87 -12.64
CA LYS B 22 -30.51 -13.48 -12.56
C LYS B 22 -31.07 -13.03 -13.91
N GLU B 23 -30.19 -12.59 -14.80
CA GLU B 23 -30.58 -12.23 -16.18
C GLU B 23 -30.32 -13.38 -17.17
N ASP B 24 -30.17 -14.58 -16.62
CA ASP B 24 -30.06 -15.84 -17.37
C ASP B 24 -28.89 -15.95 -18.34
N TYR B 25 -27.79 -15.24 -18.03
CA TYR B 25 -26.54 -15.41 -18.76
C TYR B 25 -25.81 -16.63 -18.26
N LYS B 26 -24.98 -17.21 -19.13
CA LYS B 26 -23.97 -18.18 -18.72
C LYS B 26 -22.73 -17.40 -18.29
N VAL B 27 -22.18 -17.73 -17.13
CA VAL B 27 -21.06 -16.98 -16.55
C VAL B 27 -19.84 -17.85 -16.31
N ILE B 28 -18.70 -17.37 -16.81
CA ILE B 28 -17.39 -17.97 -16.52
C ILE B 28 -16.57 -16.96 -15.72
N GLY B 29 -16.01 -17.40 -14.59
CA GLY B 29 -15.24 -16.51 -13.73
C GLY B 29 -13.82 -16.99 -13.48
N SER B 30 -13.00 -16.13 -12.89
CA SER B 30 -11.65 -16.52 -12.48
C SER B 30 -11.37 -16.20 -11.01
N ALA B 31 -10.62 -17.09 -10.37
CA ALA B 31 -10.13 -16.87 -9.01
C ALA B 31 -8.68 -17.32 -8.92
N ARG B 32 -7.99 -16.91 -7.86
CA ARG B 32 -6.54 -17.14 -7.74
C ARG B 32 -6.13 -18.57 -7.35
N SER B 33 -7.10 -19.36 -6.90
CA SER B 33 -6.85 -20.74 -6.47
C SER B 33 -8.08 -21.62 -6.63
N GLN B 34 -7.86 -22.94 -6.60
CA GLN B 34 -8.94 -23.92 -6.73
C GLN B 34 -9.92 -23.82 -5.57
N GLU B 35 -9.39 -23.63 -4.36
CA GLU B 35 -10.21 -23.48 -3.16
C GLU B 35 -11.19 -22.31 -3.29
N LYS B 36 -10.66 -21.14 -3.69
CA LYS B 36 -11.46 -19.94 -3.88
C LYS B 36 -12.51 -20.13 -4.99
N ALA B 37 -12.11 -20.82 -6.06
CA ALA B 37 -13.02 -21.15 -7.15
C ALA B 37 -14.17 -22.04 -6.70
N GLU B 38 -13.83 -23.06 -5.90
CA GLU B 38 -14.81 -23.97 -5.31
C GLU B 38 -15.75 -23.25 -4.34
N ASN B 39 -15.17 -22.45 -3.44
CA ASN B 39 -15.94 -21.68 -2.47
C ASN B 39 -17.04 -20.84 -3.12
N LEU B 40 -16.67 -20.17 -4.21
CA LEU B 40 -17.59 -19.27 -4.92
C LEU B 40 -18.71 -20.01 -5.65
N THR B 41 -18.37 -21.09 -6.35
CA THR B 41 -19.40 -21.91 -7.04
C THR B 41 -20.36 -22.52 -6.03
N GLU B 42 -19.82 -22.90 -4.86
CA GLU B 42 -20.61 -23.39 -3.74
C GLU B 42 -21.53 -22.30 -3.18
N ALA B 43 -20.97 -21.11 -2.98
CA ALA B 43 -21.73 -19.96 -2.48
C ALA B 43 -22.94 -19.65 -3.35
N PHE B 44 -22.75 -19.71 -4.67
CA PHE B 44 -23.86 -19.54 -5.61
C PHE B 44 -24.72 -20.80 -5.78
N GLY B 45 -24.39 -21.83 -5.00
CA GLY B 45 -25.19 -23.05 -4.93
C GLY B 45 -25.14 -23.90 -6.18
N ASN B 46 -23.92 -24.20 -6.65
CA ASN B 46 -23.71 -25.07 -7.80
C ASN B 46 -24.70 -24.82 -8.94
N ASN B 47 -24.78 -23.57 -9.38
CA ASN B 47 -25.60 -23.20 -10.52
C ASN B 47 -24.95 -23.75 -11.80
N PRO B 48 -25.67 -24.61 -12.54
CA PRO B 48 -25.13 -25.24 -13.76
C PRO B 48 -24.56 -24.23 -14.77
N LYS B 49 -25.13 -23.02 -14.80
CA LYS B 49 -24.72 -21.98 -15.75
C LYS B 49 -23.52 -21.15 -15.30
N PHE B 50 -22.93 -21.52 -14.16
CA PHE B 50 -21.79 -20.82 -13.61
C PHE B 50 -20.60 -21.78 -13.48
N SER B 51 -19.47 -21.38 -14.04
CA SER B 51 -18.24 -22.17 -13.95
C SER B 51 -17.05 -21.28 -13.66
N MET B 52 -16.01 -21.86 -13.08
CA MET B 52 -14.83 -21.10 -12.68
C MET B 52 -13.55 -21.63 -13.31
N GLU B 53 -12.65 -20.70 -13.65
CA GLU B 53 -11.29 -21.01 -14.07
C GLU B 53 -10.34 -20.47 -13.01
N VAL B 54 -9.15 -21.07 -12.92
CA VAL B 54 -8.15 -20.61 -11.96
C VAL B 54 -7.09 -19.77 -12.66
N VAL B 55 -6.99 -18.50 -12.26
CA VAL B 55 -5.98 -17.58 -12.78
C VAL B 55 -5.23 -16.94 -11.60
N PRO B 56 -4.09 -17.55 -11.21
CA PRO B 56 -3.39 -17.22 -9.96
C PRO B 56 -2.73 -15.83 -9.88
N ASP B 57 -2.15 -15.38 -10.99
CA ASP B 57 -1.42 -14.10 -11.01
C ASP B 57 -1.73 -13.32 -12.28
N ILE B 58 -2.56 -12.28 -12.15
CA ILE B 58 -2.97 -11.49 -13.32
C ILE B 58 -1.92 -10.47 -13.77
N SER B 59 -0.83 -10.34 -13.00
CA SER B 59 0.26 -9.43 -13.35
C SER B 59 1.13 -9.97 -14.50
N LYS B 60 0.94 -11.25 -14.82
CA LYS B 60 1.62 -11.89 -15.93
C LYS B 60 0.80 -11.83 -17.22
N LEU B 61 1.48 -11.64 -18.34
CA LEU B 61 0.83 -11.38 -19.63
C LEU B 61 0.09 -12.58 -20.23
N ASP B 62 0.46 -13.79 -19.83
CA ASP B 62 -0.13 -15.01 -20.37
C ASP B 62 -1.19 -15.60 -19.45
N ALA B 63 -1.51 -14.88 -18.39
CA ALA B 63 -2.40 -15.36 -17.33
C ALA B 63 -3.76 -15.85 -17.82
N PHE B 64 -4.31 -15.17 -18.83
CA PHE B 64 -5.65 -15.48 -19.33
C PHE B 64 -5.65 -16.27 -20.64
N ASP B 65 -4.52 -16.85 -21.02
CA ASP B 65 -4.43 -17.60 -22.27
C ASP B 65 -5.28 -18.86 -22.27
N HIS B 66 -5.10 -19.70 -21.25
CA HIS B 66 -5.85 -20.96 -21.14
C HIS B 66 -7.36 -20.78 -21.24
N VAL B 67 -7.90 -19.82 -20.49
CA VAL B 67 -9.35 -19.57 -20.49
C VAL B 67 -9.86 -19.21 -21.88
N PHE B 68 -9.12 -18.36 -22.60
CA PHE B 68 -9.53 -17.96 -23.94
C PHE B 68 -9.18 -19.00 -25.01
N GLN B 69 -8.17 -19.81 -24.74
CA GLN B 69 -7.83 -20.93 -25.62
C GLN B 69 -8.89 -22.02 -25.51
N LYS B 70 -9.37 -22.27 -24.29
CA LYS B 70 -10.34 -23.32 -24.02
C LYS B 70 -11.80 -22.88 -24.21
N HIS B 71 -12.07 -21.59 -24.00
CA HIS B 71 -13.45 -21.08 -24.07
C HIS B 71 -13.63 -19.85 -24.98
N GLY B 72 -12.56 -19.43 -25.64
CA GLY B 72 -12.55 -18.20 -26.44
C GLY B 72 -13.64 -18.04 -27.48
N LYS B 73 -13.98 -19.13 -28.17
CA LYS B 73 -15.04 -19.13 -29.17
C LYS B 73 -16.43 -18.95 -28.53
N ASP B 74 -16.51 -19.26 -27.23
CA ASP B 74 -17.77 -19.24 -26.49
C ASP B 74 -18.00 -17.96 -25.69
N ILE B 75 -16.94 -17.19 -25.45
CA ILE B 75 -17.05 -15.95 -24.67
C ILE B 75 -17.41 -14.78 -25.58
N LYS B 76 -18.55 -14.15 -25.29
CA LYS B 76 -19.01 -12.98 -26.06
C LYS B 76 -18.69 -11.67 -25.36
N ILE B 77 -18.73 -11.70 -24.03
CA ILE B 77 -18.57 -10.50 -23.20
C ILE B 77 -17.49 -10.72 -22.13
N VAL B 78 -16.60 -9.74 -22.00
CA VAL B 78 -15.52 -9.81 -21.01
C VAL B 78 -15.62 -8.64 -20.02
N LEU B 79 -15.83 -8.97 -18.75
CA LEU B 79 -15.86 -7.98 -17.69
C LEU B 79 -14.60 -8.15 -16.85
N HIS B 80 -13.62 -7.31 -17.11
CA HIS B 80 -12.31 -7.40 -16.45
C HIS B 80 -12.31 -6.55 -15.19
N THR B 81 -12.61 -7.19 -14.06
CA THR B 81 -12.73 -6.49 -12.77
C THR B 81 -11.51 -6.72 -11.89
N ALA B 82 -10.74 -7.76 -12.20
CA ALA B 82 -9.57 -8.15 -11.42
C ALA B 82 -8.42 -7.13 -11.48
N SER B 83 -7.78 -6.94 -10.33
CA SER B 83 -6.59 -6.09 -10.19
C SER B 83 -5.43 -6.93 -9.66
N PRO B 84 -4.17 -6.51 -9.90
CA PRO B 84 -3.00 -7.26 -9.43
C PRO B 84 -3.10 -7.63 -7.94
N PHE B 85 -2.90 -8.90 -7.61
CA PHE B 85 -3.24 -9.43 -6.27
C PHE B 85 -2.47 -8.82 -5.10
N CYS B 86 -1.28 -8.29 -5.38
CA CYS B 86 -0.50 -7.62 -4.36
C CYS B 86 0.47 -6.60 -4.98
N PHE B 87 1.02 -5.74 -4.14
CA PHE B 87 1.92 -4.68 -4.53
C PHE B 87 2.85 -4.21 -3.42
N ASP B 88 3.87 -3.43 -3.77
CA ASP B 88 4.68 -2.76 -2.74
C ASP B 88 5.05 -1.33 -3.12
N ILE B 89 5.53 -0.59 -2.11
CA ILE B 89 5.72 0.86 -2.19
C ILE B 89 7.12 1.29 -2.63
N THR B 90 8.11 0.42 -2.41
CA THR B 90 9.46 0.64 -2.90
C THR B 90 9.59 0.00 -4.28
N ASP B 91 10.24 0.71 -5.20
CA ASP B 91 10.24 0.37 -6.63
C ASP B 91 8.79 0.27 -7.12
N SER B 92 8.08 1.40 -7.04
CA SER B 92 6.69 1.53 -7.48
C SER B 92 6.50 1.02 -8.91
N GLU B 93 7.46 1.36 -9.78
CA GLU B 93 7.39 0.99 -11.19
C GLU B 93 7.29 -0.52 -11.36
N ARG B 94 8.25 -1.25 -10.79
CA ARG B 94 8.30 -2.70 -10.95
C ARG B 94 7.21 -3.44 -10.17
N ASP B 95 6.82 -2.88 -9.02
CA ASP B 95 5.95 -3.60 -8.08
C ASP B 95 4.50 -3.10 -8.05
N LEU B 96 4.21 -2.00 -8.73
CA LEU B 96 2.86 -1.45 -8.74
C LEU B 96 2.42 -0.96 -10.12
N LEU B 97 3.25 -0.11 -10.75
CA LEU B 97 2.89 0.51 -12.02
C LEU B 97 2.87 -0.48 -13.19
N ILE B 98 4.01 -1.13 -13.44
CA ILE B 98 4.11 -2.14 -14.51
C ILE B 98 3.08 -3.27 -14.36
N PRO B 99 2.97 -3.87 -13.15
CA PRO B 99 1.94 -4.91 -12.97
C PRO B 99 0.52 -4.43 -13.27
N ALA B 100 0.20 -3.18 -12.94
CA ALA B 100 -1.12 -2.60 -13.23
C ALA B 100 -1.39 -2.55 -14.73
N VAL B 101 -0.38 -2.14 -15.50
CA VAL B 101 -0.49 -2.04 -16.95
C VAL B 101 -0.61 -3.42 -17.59
N ASN B 102 0.28 -4.33 -17.20
CA ASN B 102 0.25 -5.70 -17.70
C ASN B 102 -1.04 -6.43 -17.30
N GLY B 103 -1.59 -6.07 -16.16
CA GLY B 103 -2.85 -6.62 -15.67
C GLY B 103 -4.02 -6.36 -16.60
N VAL B 104 -3.90 -5.31 -17.42
CA VAL B 104 -4.88 -4.98 -18.45
C VAL B 104 -4.46 -5.52 -19.82
N LYS B 105 -3.18 -5.35 -20.15
CA LYS B 105 -2.63 -5.76 -21.44
C LYS B 105 -2.74 -7.26 -21.70
N GLY B 106 -2.46 -8.06 -20.66
CA GLY B 106 -2.49 -9.52 -20.73
C GLY B 106 -3.79 -10.10 -21.27
N ILE B 107 -4.91 -9.78 -20.61
CA ILE B 107 -6.22 -10.29 -21.02
C ILE B 107 -6.62 -9.83 -22.43
N LEU B 108 -6.28 -8.60 -22.79
CA LEU B 108 -6.57 -8.08 -24.12
C LEU B 108 -5.77 -8.81 -25.21
N HIS B 109 -4.53 -9.16 -24.90
CA HIS B 109 -3.71 -9.94 -25.82
C HIS B 109 -4.18 -11.40 -25.91
N SER B 110 -4.70 -11.92 -24.80
CA SER B 110 -5.33 -13.23 -24.80
C SER B 110 -6.55 -13.26 -25.72
N ILE B 111 -7.34 -12.18 -25.69
CA ILE B 111 -8.50 -12.02 -26.56
C ILE B 111 -8.06 -11.97 -28.03
N LYS B 112 -7.09 -11.12 -28.33
CA LYS B 112 -6.55 -10.98 -29.69
C LYS B 112 -6.10 -12.31 -30.29
N LYS B 113 -5.43 -13.14 -29.49
CA LYS B 113 -4.87 -14.39 -29.99
C LYS B 113 -5.90 -15.51 -30.12
N TYR B 114 -6.75 -15.67 -29.12
CA TYR B 114 -7.66 -16.81 -29.06
C TYR B 114 -9.15 -16.51 -29.23
N ALA B 115 -9.50 -15.25 -29.46
CA ALA B 115 -10.91 -14.84 -29.54
C ALA B 115 -11.12 -13.50 -30.24
N ALA B 116 -10.24 -13.19 -31.21
CA ALA B 116 -10.27 -11.89 -31.88
C ALA B 116 -11.59 -11.59 -32.60
N ASP B 117 -12.38 -12.63 -32.85
CA ASP B 117 -13.60 -12.51 -33.65
C ASP B 117 -14.89 -12.81 -32.88
N SER B 118 -14.76 -13.34 -31.67
CA SER B 118 -15.93 -13.73 -30.87
C SER B 118 -16.30 -12.74 -29.78
N VAL B 119 -15.29 -12.12 -29.14
CA VAL B 119 -15.54 -11.13 -28.09
C VAL B 119 -16.07 -9.83 -28.70
N GLU B 120 -17.27 -9.45 -28.29
CA GLU B 120 -17.93 -8.26 -28.83
C GLU B 120 -17.79 -7.03 -27.93
N ARG B 121 -17.76 -7.26 -26.62
CA ARG B 121 -17.68 -6.17 -25.64
C ARG B 121 -16.72 -6.49 -24.50
N VAL B 122 -15.92 -5.50 -24.14
CA VAL B 122 -15.04 -5.57 -22.98
C VAL B 122 -15.41 -4.39 -22.09
N VAL B 123 -15.63 -4.68 -20.81
CA VAL B 123 -15.84 -3.62 -19.82
C VAL B 123 -14.72 -3.71 -18.80
N LEU B 124 -14.01 -2.60 -18.64
CA LEU B 124 -12.91 -2.52 -17.69
C LEU B 124 -13.34 -1.82 -16.42
N THR B 125 -13.20 -2.51 -15.29
CA THR B 125 -13.39 -1.85 -14.01
C THR B 125 -12.19 -0.95 -13.77
N SER B 126 -12.42 0.34 -13.97
CA SER B 126 -11.43 1.37 -13.71
C SER B 126 -11.73 2.01 -12.35
N SER B 127 -11.48 3.31 -12.22
CA SER B 127 -11.67 4.02 -10.95
C SER B 127 -11.70 5.53 -11.16
N TYR B 128 -12.39 6.23 -10.26
CA TYR B 128 -12.38 7.70 -10.23
C TYR B 128 -10.97 8.23 -9.96
N ALA B 129 -10.09 7.36 -9.47
CA ALA B 129 -8.67 7.68 -9.29
C ALA B 129 -7.95 7.98 -10.61
N ALA B 130 -8.51 7.46 -11.70
CA ALA B 130 -7.98 7.72 -13.05
C ALA B 130 -8.55 9.02 -13.65
N VAL B 131 -9.54 9.60 -12.97
CA VAL B 131 -10.26 10.79 -13.44
C VAL B 131 -9.81 12.08 -12.74
N PHE B 132 -9.66 12.00 -11.43
CA PHE B 132 -9.58 13.19 -10.57
C PHE B 132 -8.18 13.79 -10.36
N ASP B 133 -8.16 14.99 -9.80
CA ASP B 133 -6.93 15.65 -9.36
C ASP B 133 -6.97 15.73 -7.84
N MET B 134 -6.20 14.86 -7.19
CA MET B 134 -6.24 14.68 -5.75
C MET B 134 -5.98 15.98 -4.97
N ALA B 135 -5.05 16.79 -5.48
CA ALA B 135 -4.71 18.07 -4.88
C ALA B 135 -5.78 19.15 -5.12
N LYS B 136 -6.71 18.89 -6.04
CA LYS B 136 -7.72 19.87 -6.43
C LYS B 136 -9.18 19.47 -6.15
N GLU B 137 -9.37 18.34 -5.45
CA GLU B 137 -10.71 17.89 -5.04
C GLU B 137 -11.40 18.88 -4.11
N ASN B 138 -10.60 19.62 -3.34
CA ASN B 138 -11.11 20.58 -2.36
C ASN B 138 -11.44 21.96 -2.94
N ASP B 139 -11.08 22.19 -4.21
CA ASP B 139 -11.33 23.46 -4.88
C ASP B 139 -12.77 23.55 -5.40
N LYS B 140 -13.62 24.27 -4.66
CA LYS B 140 -15.05 24.41 -4.98
C LYS B 140 -15.34 25.02 -6.37
N SER B 141 -14.37 25.77 -6.91
CA SER B 141 -14.56 26.42 -8.21
C SER B 141 -14.41 25.47 -9.40
N LEU B 142 -13.77 24.32 -9.18
CA LEU B 142 -13.46 23.38 -10.27
C LEU B 142 -14.55 22.34 -10.55
N THR B 143 -14.53 21.81 -11.76
CA THR B 143 -15.44 20.75 -12.16
C THR B 143 -14.67 19.61 -12.85
N PHE B 144 -14.99 18.38 -12.46
CA PHE B 144 -14.42 17.20 -13.11
C PHE B 144 -15.54 16.40 -13.75
N ASN B 145 -15.27 15.88 -14.95
CA ASN B 145 -16.24 15.04 -15.67
C ASN B 145 -15.59 13.81 -16.31
N GLU B 146 -16.34 13.16 -17.18
CA GLU B 146 -15.90 11.95 -17.88
C GLU B 146 -14.59 12.15 -18.68
N GLU B 147 -14.37 13.37 -19.16
CA GLU B 147 -13.19 13.70 -19.96
C GLU B 147 -11.98 14.14 -19.14
N SER B 148 -12.17 14.31 -17.84
CA SER B 148 -11.05 14.62 -16.93
C SER B 148 -10.18 13.39 -16.76
N TRP B 149 -8.87 13.60 -16.77
CA TRP B 149 -7.92 12.54 -16.47
C TRP B 149 -6.99 13.00 -15.36
N ASN B 150 -6.62 12.07 -14.48
CA ASN B 150 -5.59 12.31 -13.48
C ASN B 150 -4.38 12.92 -14.20
N PRO B 151 -3.88 14.06 -13.70
CA PRO B 151 -2.75 14.76 -14.35
C PRO B 151 -1.38 14.17 -14.07
N ALA B 152 -1.29 13.23 -13.12
CA ALA B 152 -0.01 12.63 -12.76
C ALA B 152 0.64 11.92 -13.95
N THR B 153 1.97 11.99 -14.02
CA THR B 153 2.74 11.31 -15.06
C THR B 153 3.38 10.06 -14.47
N TRP B 154 3.92 9.19 -15.33
CA TRP B 154 4.58 7.96 -14.90
C TRP B 154 5.62 8.25 -13.82
N GLU B 155 6.39 9.31 -14.02
CA GLU B 155 7.43 9.73 -13.08
C GLU B 155 6.86 10.44 -11.84
N SER B 156 6.02 11.44 -12.08
CA SER B 156 5.53 12.31 -11.00
C SER B 156 4.69 11.59 -9.95
N CYS B 157 3.96 10.56 -10.37
CA CYS B 157 3.06 9.82 -9.46
C CYS B 157 3.82 9.00 -8.43
N GLN B 158 5.08 8.68 -8.72
CA GLN B 158 5.93 7.88 -7.83
C GLN B 158 6.35 8.61 -6.55
N SER B 159 5.89 9.86 -6.40
CA SER B 159 6.19 10.73 -5.26
C SER B 159 5.90 10.11 -3.88
N ASP B 160 4.82 9.34 -3.80
CA ASP B 160 4.39 8.69 -2.57
C ASP B 160 3.40 7.56 -2.91
N PRO B 161 3.20 6.60 -1.99
CA PRO B 161 2.39 5.41 -2.27
C PRO B 161 0.98 5.71 -2.79
N VAL B 162 0.30 6.67 -2.18
CA VAL B 162 -1.08 7.01 -2.54
C VAL B 162 -1.17 7.54 -3.98
N ASN B 163 -0.30 8.50 -4.30
CA ASN B 163 -0.19 9.02 -5.67
C ASN B 163 0.17 7.94 -6.69
N ALA B 164 1.09 7.06 -6.30
CA ALA B 164 1.51 5.93 -7.14
C ALA B 164 0.37 4.96 -7.41
N TYR B 165 -0.42 4.68 -6.37
CA TYR B 165 -1.59 3.81 -6.50
C TYR B 165 -2.63 4.39 -7.47
N CYS B 166 -2.93 5.68 -7.33
CA CYS B 166 -3.91 6.33 -8.20
C CYS B 166 -3.37 6.45 -9.64
N GLY B 167 -2.06 6.65 -9.75
CA GLY B 167 -1.37 6.69 -11.04
C GLY B 167 -1.53 5.37 -11.79
N SER B 168 -1.34 4.26 -11.06
CA SER B 168 -1.49 2.92 -11.62
C SER B 168 -2.87 2.68 -12.23
N LYS B 169 -3.90 3.31 -11.66
CA LYS B 169 -5.26 3.21 -12.21
C LYS B 169 -5.38 3.95 -13.55
N LYS B 170 -4.80 5.15 -13.61
CA LYS B 170 -4.73 5.91 -14.87
C LYS B 170 -4.03 5.13 -15.99
N PHE B 171 -2.84 4.61 -15.71
CA PHE B 171 -2.04 3.94 -16.72
C PHE B 171 -2.62 2.58 -17.11
N ALA B 172 -3.34 1.97 -16.17
CA ALA B 172 -4.08 0.74 -16.44
C ALA B 172 -5.22 0.99 -17.42
N GLU B 173 -5.97 2.07 -17.20
CA GLU B 173 -7.08 2.39 -18.11
C GLU B 173 -6.57 2.88 -19.47
N LYS B 174 -5.49 3.64 -19.45
CA LYS B 174 -4.89 4.17 -20.68
C LYS B 174 -4.39 3.07 -21.62
N ALA B 175 -3.82 2.00 -21.05
CA ALA B 175 -3.32 0.88 -21.83
C ALA B 175 -4.46 0.15 -22.56
N ALA B 176 -5.64 0.10 -21.92
CA ALA B 176 -6.83 -0.51 -22.51
C ALA B 176 -7.24 0.24 -23.78
N TRP B 177 -7.52 1.54 -23.63
CA TRP B 177 -7.88 2.41 -24.76
C TRP B 177 -6.83 2.39 -25.87
N GLU B 178 -5.55 2.35 -25.48
CA GLU B 178 -4.44 2.32 -26.43
C GLU B 178 -4.40 1.02 -27.23
N PHE B 179 -4.65 -0.10 -26.55
CA PHE B 179 -4.70 -1.40 -27.21
C PHE B 179 -5.77 -1.41 -28.30
N LEU B 180 -6.96 -0.91 -27.99
CA LEU B 180 -8.07 -0.90 -28.94
C LEU B 180 -7.84 0.04 -30.12
N GLU B 181 -7.27 1.21 -29.83
CA GLU B 181 -6.93 2.21 -30.85
C GLU B 181 -5.98 1.65 -31.90
N GLU B 182 -5.04 0.83 -31.45
CA GLU B 182 -3.98 0.31 -32.30
C GLU B 182 -4.37 -1.02 -32.97
N ASN B 183 -5.20 -1.80 -32.30
CA ASN B 183 -5.60 -3.12 -32.79
C ASN B 183 -7.03 -3.21 -33.29
N ARG B 184 -7.63 -2.07 -33.61
CA ARG B 184 -9.05 -1.99 -33.98
C ARG B 184 -9.43 -2.86 -35.17
N ASP B 185 -8.53 -2.96 -36.14
CA ASP B 185 -8.76 -3.78 -37.33
C ASP B 185 -8.40 -5.24 -37.09
N SER B 186 -7.89 -5.56 -35.90
CA SER B 186 -7.52 -6.92 -35.55
C SER B 186 -8.41 -7.55 -34.47
N VAL B 187 -9.28 -6.73 -33.87
CA VAL B 187 -10.25 -7.22 -32.87
C VAL B 187 -11.64 -6.67 -33.12
N LYS B 188 -12.65 -7.46 -32.77
CA LYS B 188 -14.06 -7.11 -32.98
C LYS B 188 -14.64 -6.28 -31.84
N PHE B 189 -14.11 -6.47 -30.63
CA PHE B 189 -14.73 -5.89 -29.43
C PHE B 189 -14.75 -4.37 -29.38
N GLU B 190 -15.73 -3.84 -28.66
CA GLU B 190 -15.73 -2.45 -28.24
C GLU B 190 -15.45 -2.37 -26.74
N LEU B 191 -14.92 -1.24 -26.29
CA LEU B 191 -14.49 -1.07 -24.91
C LEU B 191 -15.30 -0.01 -24.19
N THR B 192 -15.56 -0.26 -22.91
CA THR B 192 -16.16 0.71 -22.00
C THR B 192 -15.41 0.65 -20.66
N ALA B 193 -15.24 1.80 -20.01
CA ALA B 193 -14.66 1.84 -18.67
C ALA B 193 -15.71 2.23 -17.63
N VAL B 194 -15.70 1.52 -16.51
CA VAL B 194 -16.56 1.86 -15.38
C VAL B 194 -15.68 2.42 -14.25
N ASN B 195 -15.99 3.63 -13.83
CA ASN B 195 -15.13 4.39 -12.92
C ASN B 195 -15.82 4.74 -11.61
N PRO B 196 -15.81 3.79 -10.65
CA PRO B 196 -16.48 4.06 -9.37
C PRO B 196 -15.69 5.00 -8.46
N VAL B 197 -16.42 5.68 -7.58
CA VAL B 197 -15.85 6.45 -6.48
C VAL B 197 -15.66 5.53 -5.26
N TYR B 198 -15.86 6.04 -4.03
CA TYR B 198 -15.89 5.18 -2.85
C TYR B 198 -17.11 4.25 -2.91
N VAL B 199 -16.86 2.94 -2.80
CA VAL B 199 -17.91 1.92 -2.94
C VAL B 199 -18.32 1.33 -1.60
N PHE B 200 -19.55 1.64 -1.19
CA PHE B 200 -20.15 1.09 0.02
C PHE B 200 -21.19 0.04 -0.36
N GLY B 201 -21.79 -0.59 0.64
CA GLY B 201 -22.89 -1.52 0.39
C GLY B 201 -22.65 -2.90 0.95
N PRO B 202 -23.68 -3.77 0.90
CA PRO B 202 -23.60 -5.09 1.49
C PRO B 202 -22.75 -6.06 0.65
N GLN B 203 -22.03 -6.94 1.34
CA GLN B 203 -21.38 -8.07 0.71
C GLN B 203 -22.47 -8.98 0.16
N MET B 204 -22.19 -9.61 -0.98
CA MET B 204 -23.13 -10.53 -1.61
C MET B 204 -23.58 -11.63 -0.63
N PHE B 205 -22.63 -12.18 0.12
CA PHE B 205 -22.94 -13.21 1.13
C PHE B 205 -22.55 -12.77 2.54
N ASP B 206 -23.43 -13.08 3.49
CA ASP B 206 -23.27 -12.61 4.87
C ASP B 206 -22.01 -13.10 5.58
N LYS B 207 -21.54 -14.27 5.22
CA LYS B 207 -20.34 -14.84 5.83
C LYS B 207 -19.04 -14.07 5.61
N ASP B 208 -19.03 -13.31 4.52
CA ASP B 208 -17.89 -12.53 3.99
C ASP B 208 -17.39 -11.40 4.91
N VAL B 209 -18.29 -10.84 5.70
CA VAL B 209 -18.12 -9.59 6.34
C VAL B 209 -16.90 -9.59 7.25
N LYS B 210 -16.66 -10.71 7.88
CA LYS B 210 -15.51 -10.86 8.77
C LYS B 210 -14.14 -10.62 8.13
N LYS B 211 -13.90 -11.13 6.94
CA LYS B 211 -12.62 -11.01 6.26
C LYS B 211 -12.62 -10.01 5.10
N HIS B 212 -13.74 -9.91 4.41
CA HIS B 212 -13.73 -9.37 3.05
C HIS B 212 -14.28 -7.94 2.86
N LEU B 213 -14.31 -7.16 3.93
CA LEU B 213 -14.68 -5.74 3.81
C LEU B 213 -13.63 -5.00 2.98
N ASN B 214 -14.10 -4.29 1.96
CA ASN B 214 -13.23 -3.45 1.14
C ASN B 214 -12.82 -2.19 1.88
N THR B 215 -11.90 -1.43 1.29
CA THR B 215 -11.39 -0.17 1.85
C THR B 215 -12.47 0.82 2.33
N SER B 216 -13.51 1.01 1.54
CA SER B 216 -14.58 1.97 1.89
C SER B 216 -15.46 1.50 3.04
N CYS B 217 -15.85 0.22 3.01
CA CYS B 217 -16.72 -0.33 4.05
C CYS B 217 -15.99 -0.52 5.36
N GLU B 218 -14.68 -0.66 5.27
CA GLU B 218 -13.82 -0.68 6.44
C GLU B 218 -13.89 0.64 7.21
N LEU B 219 -14.01 1.76 6.48
CA LEU B 219 -14.20 3.08 7.08
C LEU B 219 -15.47 3.16 7.91
N VAL B 220 -16.54 2.54 7.39
CA VAL B 220 -17.82 2.46 8.10
C VAL B 220 -17.66 1.59 9.35
N ASN B 221 -17.07 0.41 9.17
CA ASN B 221 -16.81 -0.52 10.26
C ASN B 221 -16.05 0.13 11.42
N SER B 222 -14.99 0.88 11.11
CA SER B 222 -14.19 1.52 12.16
C SER B 222 -14.97 2.60 12.90
N LEU B 223 -15.72 3.42 12.15
CA LEU B 223 -16.62 4.42 12.73
C LEU B 223 -17.61 3.81 13.72
N MET B 224 -18.13 2.63 13.38
CA MET B 224 -19.06 1.89 14.24
C MET B 224 -18.40 1.45 15.55
N HIS B 225 -17.07 1.35 15.53
CA HIS B 225 -16.32 0.82 16.67
C HIS B 225 -15.52 1.86 17.48
N LEU B 226 -15.59 3.13 17.07
CA LEU B 226 -14.92 4.20 17.80
C LEU B 226 -15.65 4.57 19.09
N SER B 227 -14.90 4.97 20.12
CA SER B 227 -15.45 5.47 21.37
C SER B 227 -16.03 6.88 21.19
N PRO B 228 -16.92 7.32 22.11
CA PRO B 228 -17.60 8.62 21.96
C PRO B 228 -16.69 9.85 21.79
N GLU B 229 -15.51 9.84 22.42
CA GLU B 229 -14.60 11.00 22.34
C GLU B 229 -13.52 10.88 21.26
N ASP B 230 -13.46 9.73 20.59
CA ASP B 230 -12.46 9.48 19.54
C ASP B 230 -12.59 10.45 18.37
N LYS B 231 -11.46 10.73 17.71
CA LYS B 231 -11.42 11.68 16.61
C LYS B 231 -12.04 11.15 15.31
N ILE B 232 -12.67 12.06 14.58
CA ILE B 232 -13.32 11.75 13.31
C ILE B 232 -12.35 12.02 12.16
N PRO B 233 -12.02 10.98 11.36
CA PRO B 233 -11.13 11.15 10.21
C PRO B 233 -11.71 12.12 9.18
N GLU B 234 -10.84 12.90 8.55
CA GLU B 234 -11.25 13.88 7.55
C GLU B 234 -11.15 13.30 6.15
N LEU B 235 -12.31 13.07 5.54
CA LEU B 235 -12.39 12.42 4.24
C LEU B 235 -13.49 13.06 3.38
N PHE B 236 -13.19 13.30 2.11
CA PHE B 236 -14.16 13.82 1.14
C PHE B 236 -14.07 13.03 -0.16
N GLY B 237 -15.22 12.65 -0.70
CA GLY B 237 -15.27 11.99 -1.99
C GLY B 237 -16.68 11.77 -2.49
N GLY B 238 -16.81 11.10 -3.61
CA GLY B 238 -18.10 10.61 -4.09
C GLY B 238 -18.37 9.27 -3.45
N TYR B 239 -19.64 8.92 -3.32
CA TYR B 239 -20.03 7.59 -2.86
C TYR B 239 -20.93 6.93 -3.90
N ILE B 240 -20.98 5.61 -3.85
CA ILE B 240 -21.83 4.79 -4.70
C ILE B 240 -22.02 3.43 -4.05
N ASP B 241 -23.24 2.89 -4.16
CA ASP B 241 -23.52 1.56 -3.66
C ASP B 241 -22.96 0.50 -4.61
N VAL B 242 -22.47 -0.59 -4.03
CA VAL B 242 -21.84 -1.69 -4.79
C VAL B 242 -22.77 -2.37 -5.80
N ARG B 243 -24.07 -2.39 -5.49
CA ARG B 243 -25.06 -2.97 -6.40
C ARG B 243 -25.30 -2.09 -7.63
N ASP B 244 -25.27 -0.77 -7.44
CA ASP B 244 -25.34 0.19 -8.53
C ASP B 244 -24.11 0.07 -9.43
N VAL B 245 -22.93 -0.08 -8.81
CA VAL B 245 -21.69 -0.37 -9.55
C VAL B 245 -21.82 -1.65 -10.39
N ALA B 246 -22.31 -2.71 -9.77
CA ALA B 246 -22.54 -3.99 -10.47
C ALA B 246 -23.52 -3.82 -11.64
N LYS B 247 -24.65 -3.17 -11.38
CA LYS B 247 -25.66 -2.92 -12.43
C LYS B 247 -25.06 -2.13 -13.60
N ALA B 248 -24.23 -1.14 -13.28
CA ALA B 248 -23.57 -0.32 -14.29
C ALA B 248 -22.68 -1.12 -15.25
N HIS B 249 -22.07 -2.19 -14.75
CA HIS B 249 -21.25 -3.07 -15.58
C HIS B 249 -22.07 -3.79 -16.65
N LEU B 250 -23.29 -4.18 -16.28
CA LEU B 250 -24.19 -4.84 -17.22
C LEU B 250 -24.63 -3.85 -18.29
N VAL B 251 -25.06 -2.66 -17.86
CA VAL B 251 -25.52 -1.60 -18.76
C VAL B 251 -24.37 -1.20 -19.69
N ALA B 252 -23.14 -1.24 -19.17
CA ALA B 252 -21.94 -0.93 -19.93
C ALA B 252 -21.72 -1.82 -21.16
N PHE B 253 -22.11 -3.09 -21.09
CA PHE B 253 -21.95 -3.99 -22.24
C PHE B 253 -23.24 -4.21 -23.04
N GLN B 254 -24.38 -3.90 -22.42
CA GLN B 254 -25.70 -4.16 -23.01
C GLN B 254 -26.16 -3.09 -23.99
N LYS B 255 -25.82 -1.84 -23.72
CA LYS B 255 -26.30 -0.72 -24.52
C LYS B 255 -25.30 -0.29 -25.59
N ARG B 256 -25.83 0.15 -26.73
CA ARG B 256 -25.01 0.70 -27.80
C ARG B 256 -24.38 2.04 -27.38
N GLU B 257 -25.13 2.87 -26.65
CA GLU B 257 -24.65 4.20 -26.27
C GLU B 257 -23.50 4.25 -25.24
N THR B 258 -23.19 3.11 -24.63
CA THR B 258 -22.06 3.04 -23.68
C THR B 258 -20.73 2.64 -24.34
N ILE B 259 -20.79 2.31 -25.63
CA ILE B 259 -19.60 2.00 -26.44
C ILE B 259 -18.62 3.16 -26.42
N GLY B 260 -17.35 2.86 -26.11
CA GLY B 260 -16.29 3.87 -26.12
C GLY B 260 -16.36 4.92 -25.04
N GLN B 261 -17.15 4.66 -24.00
CA GLN B 261 -17.42 5.65 -22.95
C GLN B 261 -16.72 5.32 -21.64
N ARG B 262 -16.35 6.36 -20.90
CA ARG B 262 -15.98 6.24 -19.50
C ARG B 262 -17.20 6.63 -18.68
N LEU B 263 -17.62 5.75 -17.78
CA LEU B 263 -18.80 5.97 -16.96
C LEU B 263 -18.41 6.16 -15.49
N ILE B 264 -18.54 7.38 -14.99
CA ILE B 264 -18.30 7.66 -13.58
C ILE B 264 -19.55 7.29 -12.79
N VAL B 265 -19.42 6.23 -11.99
CA VAL B 265 -20.56 5.77 -11.19
C VAL B 265 -20.41 6.37 -9.79
N SER B 266 -21.12 7.48 -9.60
CA SER B 266 -21.12 8.25 -8.36
C SER B 266 -22.50 8.89 -8.20
N GLU B 267 -23.05 8.80 -6.99
CA GLU B 267 -24.36 9.38 -6.72
C GLU B 267 -24.26 10.84 -6.25
N ALA B 268 -23.45 11.08 -5.23
CA ALA B 268 -23.26 12.40 -4.66
C ALA B 268 -21.98 12.41 -3.81
N ARG B 269 -21.76 13.51 -3.09
CA ARG B 269 -20.59 13.64 -2.25
C ARG B 269 -20.90 13.32 -0.79
N PHE B 270 -19.85 12.97 -0.05
CA PHE B 270 -19.97 12.64 1.37
C PHE B 270 -18.69 13.01 2.12
N THR B 271 -18.84 13.18 3.44
CA THR B 271 -17.71 13.14 4.36
C THR B 271 -18.03 12.14 5.45
N MET B 272 -17.07 11.84 6.31
CA MET B 272 -17.28 10.93 7.42
C MET B 272 -18.41 11.39 8.34
N GLN B 273 -18.58 12.71 8.47
CA GLN B 273 -19.67 13.29 9.26
C GLN B 273 -21.04 12.80 8.77
N ASP B 274 -21.23 12.81 7.45
CA ASP B 274 -22.46 12.29 6.84
C ASP B 274 -22.72 10.83 7.24
N VAL B 275 -21.67 10.02 7.25
CA VAL B 275 -21.77 8.60 7.63
C VAL B 275 -22.12 8.47 9.12
N LEU B 276 -21.45 9.26 9.96
CA LEU B 276 -21.74 9.31 11.41
C LEU B 276 -23.18 9.69 11.72
N ASP B 277 -23.71 10.70 11.02
CA ASP B 277 -25.11 11.12 11.20
C ASP B 277 -26.08 9.96 10.96
N ILE B 278 -25.86 9.22 9.88
CA ILE B 278 -26.68 8.06 9.54
C ILE B 278 -26.57 6.97 10.60
N LEU B 279 -25.35 6.67 11.02
CA LEU B 279 -25.12 5.64 12.03
C LEU B 279 -25.87 5.98 13.32
N ASN B 280 -25.77 7.23 13.75
CA ASN B 280 -26.42 7.70 14.97
C ASN B 280 -27.96 7.71 14.90
N GLU B 281 -28.48 8.21 13.78
CA GLU B 281 -29.92 8.34 13.59
C GLU B 281 -30.64 7.02 13.37
N ASP B 282 -29.94 6.06 12.76
CA ASP B 282 -30.59 4.85 12.25
C ASP B 282 -30.34 3.58 13.09
N PHE B 283 -29.39 3.65 14.02
CA PHE B 283 -29.00 2.45 14.76
C PHE B 283 -28.99 2.66 16.28
N PRO B 284 -30.13 2.36 16.93
CA PRO B 284 -30.23 2.48 18.39
C PRO B 284 -29.09 1.79 19.15
N VAL B 285 -28.62 0.65 18.65
CA VAL B 285 -27.54 -0.10 19.31
C VAL B 285 -26.21 0.66 19.32
N LEU B 286 -26.06 1.63 18.40
CA LEU B 286 -24.85 2.43 18.30
C LEU B 286 -24.96 3.76 19.01
N LYS B 287 -26.17 4.33 19.01
CA LYS B 287 -26.44 5.65 19.59
C LYS B 287 -25.98 5.75 21.05
N GLY B 288 -25.13 6.75 21.33
CA GLY B 288 -24.56 6.94 22.65
C GLY B 288 -23.22 6.26 22.85
N ASN B 289 -22.89 5.33 21.94
CA ASN B 289 -21.65 4.56 22.05
C ASN B 289 -20.57 5.01 21.06
N ILE B 290 -20.97 5.78 20.06
CA ILE B 290 -20.06 6.23 19.01
C ILE B 290 -19.92 7.76 19.01
N PRO B 291 -18.92 8.30 18.27
CA PRO B 291 -18.82 9.76 18.14
C PRO B 291 -20.05 10.39 17.49
N VAL B 292 -20.29 11.66 17.78
CA VAL B 292 -21.42 12.40 17.24
C VAL B 292 -20.97 13.44 16.22
N GLY B 293 -19.83 14.08 16.50
CA GLY B 293 -19.28 15.13 15.63
C GLY B 293 -20.16 16.37 15.56
N LYS B 294 -20.24 16.98 14.38
CA LYS B 294 -21.09 18.15 14.15
C LYS B 294 -22.23 17.76 13.18
N PRO B 295 -23.37 17.29 13.72
CA PRO B 295 -24.43 16.77 12.83
C PRO B 295 -24.92 17.77 11.79
N GLY B 296 -24.98 17.31 10.54
CA GLY B 296 -25.52 18.11 9.45
C GLY B 296 -24.58 19.13 8.84
N SER B 297 -23.27 18.95 9.08
CA SER B 297 -22.25 19.83 8.51
C SER B 297 -21.44 19.14 7.39
N GLY B 298 -21.86 17.93 7.03
CA GLY B 298 -21.20 17.18 5.96
C GLY B 298 -21.67 17.56 4.57
N ALA B 299 -21.21 16.81 3.58
CA ALA B 299 -21.45 17.12 2.16
C ALA B 299 -22.87 16.82 1.68
N THR B 300 -23.66 16.12 2.49
CA THR B 300 -25.07 15.90 2.13
C THR B 300 -25.92 17.16 2.36
N HIS B 301 -25.35 18.13 3.06
CA HIS B 301 -26.05 19.39 3.34
C HIS B 301 -25.31 20.62 2.81
N ASN B 302 -24.04 20.44 2.46
CA ASN B 302 -23.19 21.55 1.99
C ASN B 302 -22.31 21.17 0.79
N THR B 303 -21.91 22.16 0.00
CA THR B 303 -20.90 21.94 -1.03
C THR B 303 -19.53 22.16 -0.40
N LEU B 304 -18.72 21.10 -0.40
CA LEU B 304 -17.46 21.09 0.37
C LEU B 304 -16.21 20.93 -0.49
N GLY B 305 -16.40 20.74 -1.79
CA GLY B 305 -15.27 20.62 -2.72
C GLY B 305 -15.67 20.74 -4.18
N ALA B 306 -14.76 20.31 -5.05
CA ALA B 306 -14.98 20.36 -6.50
C ALA B 306 -16.25 19.65 -6.93
N THR B 307 -16.90 20.17 -7.96
CA THR B 307 -18.10 19.56 -8.51
C THR B 307 -17.71 18.35 -9.35
N LEU B 308 -18.26 17.19 -9.01
CA LEU B 308 -18.13 15.99 -9.83
C LEU B 308 -19.35 15.96 -10.76
N ASP B 309 -19.14 16.29 -12.03
CA ASP B 309 -20.22 16.33 -13.00
C ASP B 309 -20.25 15.06 -13.84
N ASN B 310 -21.03 14.09 -13.38
CA ASN B 310 -21.21 12.85 -14.11
C ASN B 310 -22.62 12.70 -14.66
N LYS B 311 -23.23 13.82 -15.05
CA LYS B 311 -24.58 13.80 -15.61
C LYS B 311 -24.67 12.98 -16.90
N LYS B 312 -23.60 13.00 -17.69
CA LYS B 312 -23.51 12.20 -18.91
C LYS B 312 -23.58 10.72 -18.55
N SER B 313 -22.74 10.32 -17.59
CA SER B 313 -22.72 8.95 -17.07
C SER B 313 -24.09 8.49 -16.57
N LYS B 314 -24.73 9.35 -15.78
CA LYS B 314 -26.07 9.05 -15.25
C LYS B 314 -27.09 8.86 -16.37
N LYS B 315 -27.12 9.80 -17.32
CA LYS B 315 -28.02 9.72 -18.47
C LYS B 315 -27.82 8.44 -19.28
N LEU B 316 -26.57 8.11 -19.57
CA LEU B 316 -26.22 6.91 -20.33
C LEU B 316 -26.62 5.62 -19.62
N LEU B 317 -26.41 5.57 -18.31
CA LEU B 317 -26.75 4.40 -17.51
C LEU B 317 -28.26 4.20 -17.33
N GLY B 318 -28.98 5.30 -17.17
CA GLY B 318 -30.44 5.30 -17.21
C GLY B 318 -31.19 4.74 -16.02
N PHE B 319 -30.49 4.51 -14.91
CA PHE B 319 -31.15 4.07 -13.67
C PHE B 319 -30.70 4.92 -12.49
N LYS B 320 -31.61 5.16 -11.55
CA LYS B 320 -31.33 5.99 -10.37
C LYS B 320 -30.55 5.22 -9.30
N PHE B 321 -29.59 5.91 -8.68
CA PHE B 321 -28.68 5.31 -7.69
C PHE B 321 -29.21 5.41 -6.27
N ARG B 322 -28.76 4.49 -5.41
CA ARG B 322 -29.04 4.54 -3.98
C ARG B 322 -28.33 5.72 -3.30
N ASN B 323 -29.05 6.41 -2.40
CA ASN B 323 -28.45 7.51 -1.64
C ASN B 323 -27.60 6.99 -0.48
N LEU B 324 -26.92 7.91 0.20
CA LEU B 324 -25.98 7.55 1.25
C LEU B 324 -26.66 6.82 2.40
N LYS B 325 -27.83 7.30 2.82
CA LYS B 325 -28.56 6.65 3.90
C LYS B 325 -28.80 5.17 3.59
N GLU B 326 -29.28 4.87 2.39
CA GLU B 326 -29.56 3.48 2.01
C GLU B 326 -28.32 2.58 1.98
N THR B 327 -27.23 3.08 1.42
CA THR B 327 -26.03 2.23 1.27
C THR B 327 -25.33 1.99 2.60
N ILE B 328 -25.24 3.03 3.43
CA ILE B 328 -24.71 2.92 4.78
C ILE B 328 -25.61 2.04 5.65
N ASP B 329 -26.94 2.21 5.53
CA ASP B 329 -27.90 1.35 6.25
C ASP B 329 -27.63 -0.12 5.98
N ASP B 330 -27.55 -0.49 4.70
CA ASP B 330 -27.30 -1.88 4.32
C ASP B 330 -25.93 -2.38 4.76
N THR B 331 -24.91 -1.53 4.65
CA THR B 331 -23.54 -1.87 5.08
C THR B 331 -23.51 -2.14 6.58
N ALA B 332 -24.01 -1.17 7.36
CA ALA B 332 -24.02 -1.26 8.82
C ALA B 332 -24.89 -2.41 9.34
N SER B 333 -26.09 -2.55 8.81
CA SER B 333 -27.00 -3.63 9.21
C SER B 333 -26.38 -5.02 9.03
N GLN B 334 -25.69 -5.23 7.91
CA GLN B 334 -25.06 -6.50 7.62
C GLN B 334 -23.95 -6.83 8.61
N ILE B 335 -23.16 -5.81 8.98
CA ILE B 335 -22.09 -5.98 9.95
C ILE B 335 -22.67 -6.29 11.33
N LEU B 336 -23.73 -5.56 11.69
CA LEU B 336 -24.39 -5.76 12.98
C LEU B 336 -25.09 -7.12 13.07
N LYS B 337 -25.61 -7.59 11.95
CA LYS B 337 -26.18 -8.95 11.87
C LYS B 337 -25.10 -10.03 11.96
N PHE B 338 -23.94 -9.78 11.37
CA PHE B 338 -22.81 -10.70 11.51
C PHE B 338 -22.27 -10.74 12.94
N GLU B 339 -22.37 -9.62 13.63
CA GLU B 339 -21.92 -9.51 15.02
C GLU B 339 -23.02 -9.95 15.99
N GLY B 340 -24.14 -10.40 15.45
CA GLY B 340 -25.29 -10.87 16.24
C GLY B 340 -25.95 -9.82 17.11
N ARG B 341 -25.64 -8.55 16.84
CA ARG B 341 -26.16 -7.43 17.62
C ARG B 341 -27.52 -6.97 17.10
N ILE B 342 -27.88 -7.53 15.94
CA ILE B 342 -29.11 -7.22 15.20
C ILE B 342 -29.20 -5.78 14.66
#